data_9HPE
#
_entry.id   9HPE
#
_cell.length_a   1.00
_cell.length_b   1.00
_cell.length_c   1.00
_cell.angle_alpha   90.00
_cell.angle_beta   90.00
_cell.angle_gamma   90.00
#
_symmetry.space_group_name_H-M   'P 1'
#
loop_
_entity.id
_entity.type
_entity.pdbx_description
1 polymer 'Isoform Flip of Glutamate receptor 3,Voltage-dependent calcium channel gamma-2 subunit'
2 non-polymer 2-acetamido-2-deoxy-beta-D-glucopyranose
3 water water
#
_entity_poly.entity_id   1
_entity_poly.type   'polypeptide(L)'
_entity_poly.pdbx_seq_one_letter_code
;GDYKDDDDKFPNTISIGGLFMRNTVQEHSAFRFAVQLYNTNQNTTEKPFHLNYHVDHLDSSNSFSVTNAFCSQFSRGVYA
IFGFYDQMSMNTLTSFCGALHTSFVTPSFPTDADVQFVIQMRPALKGAILSLLSYYKWEKFVYLYDTERGFSVLQAIMEA
AVQNNWQVTARSVGNIKDVQEFRRIIEEMDRRQEKRYLIDCEVERINTILEQVVILGKHSRGYHYMLANLGFTDILLERV
MHGGANITGFQIVNNENPMVQQFIQRWVRLDEREFPEAKNAPLKYTSALTHDAILVIAEAFRYLRRQRVDVSRRGSAGDC
LANPAVPWSQGIDIERALKMVQVQGMTGNIQFDTYGRRTNYTIDVYEMKVSGSRKAGYWNEYERFVPFSDQQISNDSSSS
ENRTIVVTTILESPYVMYKKNHEQLEGNERYEGYCVDLAYEIAKHVGIKYKLSIVGDGKYGARDPETKIWNGMVGELVYG
RADIAVAPLTITLVREEVIDFSKPFMSLGISIMIKKPQKSKPGVFSFLDPLAYEIWMCIVFAYIGVSVVLFLVSRFSPYE
WHLEDNNEEPRDPQSPPDPPNEFGIFNSLWFSLGAFMQQGCDISPRSLSGRIVGGVWWFFTLIIISSYTANLAAFLTVER
MVSPIESAEDLAKQTEIAYGTLDSGSTKEFFRRSKIAVYEKMWSYMKSAEPSVFTKTTADGVARVRKSKGKFAFLLESTM
NEYIEQRKPCDTMKVGGNLDSKGYGVATPKGSALGTPVNLAVLKLSEQGILDKLKNKWWYDKGECGAKDSGSKDKTSALS
LSNVAGVFYILVGGLGLAMMVALIEFCYKSRAESKRMKLTKNTQNFKPAPAGGSGSGGLFDRGVQMLLTTVGAFAAFSLM
TIAVGTDYWLYSRGVCKTKSVSENETSKKNEEVMTHSGLWRTCCLEGNFKGLCKQIDHFPEDADYEADTAEYFLRAVRAS
SIFPILSVILLFMGGLCIAASEFYKTRHNIILSAGIFFVSAGLSNIIGIIVYISANAGDPSKSDSKKNSYSYGWSFYFGA
LSFIIAEMVGVLAVHMFIDRHKQLRATARATDYLQASAITRIPSYRYRYQRRSRSSSRSTEPSHSRDASPVGVKGFNTLP
STEISMYTLSRDPLKAATTPTATYNSDRDNSFLQVHNCIQKDSKDSLHANTANRRTTPV
;
_entity_poly.pdbx_strand_id   B,C
#
loop_
_chem_comp.id
_chem_comp.type
_chem_comp.name
_chem_comp.formula
NAG D-saccharide, beta linking 2-acetamido-2-deoxy-beta-D-glucopyranose 'C8 H15 N O6'
#
# COMPACT_ATOMS: atom_id res chain seq x y z
N PHE A 10 -44.69 -11.19 -7.29
CA PHE A 10 -43.41 -11.78 -6.89
C PHE A 10 -43.06 -12.96 -7.78
N PRO A 11 -41.79 -13.03 -8.19
CA PRO A 11 -41.36 -14.13 -9.06
C PRO A 11 -41.48 -15.47 -8.33
N ASN A 12 -41.82 -16.51 -9.10
CA ASN A 12 -41.84 -17.86 -8.55
C ASN A 12 -40.45 -18.41 -8.28
N THR A 13 -39.41 -17.78 -8.84
CA THR A 13 -38.04 -18.24 -8.66
C THR A 13 -37.14 -17.03 -8.56
N ILE A 14 -36.23 -17.06 -7.58
CA ILE A 14 -35.25 -16.00 -7.38
C ILE A 14 -33.88 -16.55 -7.76
N SER A 15 -33.22 -15.88 -8.69
CA SER A 15 -31.90 -16.27 -9.16
C SER A 15 -30.87 -15.23 -8.70
N ILE A 16 -29.79 -15.71 -8.10
CA ILE A 16 -28.71 -14.83 -7.64
C ILE A 16 -27.42 -15.27 -8.34
N GLY A 17 -26.40 -14.43 -8.21
CA GLY A 17 -25.11 -14.72 -8.80
C GLY A 17 -24.05 -14.96 -7.76
N GLY A 18 -22.98 -15.66 -8.14
CA GLY A 18 -21.88 -15.92 -7.25
C GLY A 18 -20.55 -15.69 -7.94
N LEU A 19 -19.67 -14.91 -7.31
CA LEU A 19 -18.38 -14.56 -7.88
C LEU A 19 -17.29 -15.02 -6.93
N PHE A 20 -16.69 -16.17 -7.22
CA PHE A 20 -15.72 -16.79 -6.33
C PHE A 20 -14.31 -16.61 -6.90
N MET A 21 -13.43 -16.03 -6.10
CA MET A 21 -12.03 -15.89 -6.49
C MET A 21 -11.28 -17.17 -6.12
N ARG A 22 -9.96 -17.12 -6.19
CA ARG A 22 -9.15 -18.31 -5.92
C ARG A 22 -9.22 -18.68 -4.43
N ASN A 23 -8.74 -19.89 -4.14
CA ASN A 23 -8.69 -20.47 -2.79
C ASN A 23 -9.95 -20.21 -1.97
N THR A 24 -11.10 -20.40 -2.62
CA THR A 24 -12.40 -20.31 -1.98
C THR A 24 -13.21 -21.58 -2.22
N VAL A 25 -12.56 -22.73 -2.09
CA VAL A 25 -13.25 -24.00 -2.31
C VAL A 25 -14.26 -24.27 -1.19
N GLN A 26 -13.83 -24.09 0.06
CA GLN A 26 -14.73 -24.32 1.19
C GLN A 26 -15.86 -23.32 1.19
N GLU A 27 -15.58 -22.07 0.82
CA GLU A 27 -16.64 -21.07 0.74
C GLU A 27 -17.65 -21.43 -0.34
N HIS A 28 -17.19 -21.93 -1.48
CA HIS A 28 -18.10 -22.38 -2.52
C HIS A 28 -18.96 -23.55 -2.03
N SER A 29 -18.33 -24.50 -1.32
CA SER A 29 -19.08 -25.63 -0.79
C SER A 29 -20.14 -25.16 0.21
N ALA A 30 -19.78 -24.21 1.08
CA ALA A 30 -20.74 -23.67 2.05
C ALA A 30 -21.86 -22.93 1.34
N PHE A 31 -21.55 -22.20 0.28
CA PHE A 31 -22.58 -21.52 -0.51
C PHE A 31 -23.58 -22.52 -1.08
N ARG A 32 -23.06 -23.57 -1.74
CA ARG A 32 -23.94 -24.56 -2.32
C ARG A 32 -24.76 -25.28 -1.25
N PHE A 33 -24.13 -25.62 -0.12
CA PHE A 33 -24.83 -26.34 0.93
C PHE A 33 -25.92 -25.48 1.57
N ALA A 34 -25.65 -24.19 1.77
CA ALA A 34 -26.66 -23.30 2.35
C ALA A 34 -27.83 -23.11 1.39
N VAL A 35 -27.55 -22.97 0.09
CA VAL A 35 -28.64 -22.86 -0.87
C VAL A 35 -29.47 -24.14 -0.89
N GLN A 36 -28.80 -25.29 -0.83
CA GLN A 36 -29.52 -26.57 -0.77
C GLN A 36 -30.35 -26.67 0.49
N LEU A 37 -29.80 -26.22 1.63
CA LEU A 37 -30.54 -26.26 2.89
C LEU A 37 -31.81 -25.40 2.80
N TYR A 38 -31.70 -24.22 2.18
CA TYR A 38 -32.89 -23.40 1.98
C TYR A 38 -33.88 -24.09 1.05
N ASN A 39 -33.38 -24.73 0.00
CA ASN A 39 -34.27 -25.29 -1.01
C ASN A 39 -35.00 -26.54 -0.51
N THR A 40 -34.35 -27.33 0.35
CA THR A 40 -34.96 -28.57 0.83
C THR A 40 -35.90 -28.36 2.00
N ASN A 41 -36.05 -27.12 2.48
CA ASN A 41 -37.03 -26.85 3.53
C ASN A 41 -38.43 -27.11 3.00
N GLN A 42 -39.21 -27.87 3.76
CA GLN A 42 -40.53 -28.31 3.34
C GLN A 42 -41.65 -27.40 3.83
N ASN A 43 -41.33 -26.32 4.51
CA ASN A 43 -42.34 -25.38 5.00
C ASN A 43 -42.57 -24.31 3.96
N THR A 44 -43.82 -24.15 3.53
CA THR A 44 -44.14 -23.17 2.49
C THR A 44 -43.90 -21.74 2.95
N THR A 45 -43.98 -21.47 4.26
CA THR A 45 -43.69 -20.14 4.75
C THR A 45 -42.20 -19.85 4.75
N GLU A 46 -41.38 -20.85 5.10
CA GLU A 46 -39.93 -20.67 5.07
C GLU A 46 -39.38 -20.69 3.66
N LYS A 47 -40.06 -21.37 2.73
CA LYS A 47 -39.64 -21.45 1.33
C LYS A 47 -40.81 -21.03 0.45
N PRO A 48 -40.99 -19.72 0.24
CA PRO A 48 -42.01 -19.26 -0.70
C PRO A 48 -41.51 -19.15 -2.14
N PHE A 49 -40.20 -19.26 -2.37
CA PHE A 49 -39.64 -19.15 -3.70
C PHE A 49 -38.43 -20.07 -3.82
N HIS A 50 -38.21 -20.59 -5.02
CA HIS A 50 -37.06 -21.45 -5.28
C HIS A 50 -35.84 -20.60 -5.60
N LEU A 51 -34.72 -20.89 -4.93
CA LEU A 51 -33.50 -20.09 -5.05
C LEU A 51 -32.51 -20.82 -5.95
N ASN A 52 -32.08 -20.14 -7.01
CA ASN A 52 -31.03 -20.65 -7.91
C ASN A 52 -29.84 -19.71 -7.88
N TYR A 53 -28.69 -20.25 -8.27
CA TYR A 53 -27.45 -19.49 -8.29
C TYR A 53 -26.71 -19.74 -9.60
N HIS A 54 -26.04 -18.69 -10.08
CA HIS A 54 -25.15 -18.78 -11.24
C HIS A 54 -23.74 -18.48 -10.76
N VAL A 55 -22.88 -19.48 -10.75
CA VAL A 55 -21.56 -19.39 -10.12
C VAL A 55 -20.50 -19.19 -11.19
N ASP A 56 -19.64 -18.19 -10.99
CA ASP A 56 -18.51 -17.91 -11.87
C ASP A 56 -17.27 -17.67 -11.03
N HIS A 57 -16.12 -18.05 -11.58
CA HIS A 57 -14.85 -17.95 -10.89
C HIS A 57 -14.01 -16.84 -11.51
N LEU A 58 -13.43 -15.99 -10.66
CA LEU A 58 -12.70 -14.82 -11.09
C LEU A 58 -11.21 -15.12 -11.20
N ASP A 59 -10.49 -14.16 -11.78
CA ASP A 59 -9.04 -14.18 -11.83
C ASP A 59 -8.42 -13.21 -10.83
N SER A 60 -9.03 -12.03 -10.66
CA SER A 60 -8.68 -11.00 -9.70
C SER A 60 -7.38 -10.28 -10.03
N SER A 61 -6.64 -10.73 -11.05
CA SER A 61 -5.47 -10.00 -11.54
C SER A 61 -5.69 -9.42 -12.93
N ASN A 62 -6.67 -9.90 -13.69
CA ASN A 62 -7.03 -9.36 -14.99
C ASN A 62 -8.38 -8.67 -14.81
N SER A 63 -8.36 -7.33 -14.80
CA SER A 63 -9.61 -6.59 -14.63
C SER A 63 -10.57 -6.87 -15.79
N PHE A 64 -10.04 -7.20 -16.97
CA PHE A 64 -10.90 -7.58 -18.08
C PHE A 64 -11.69 -8.83 -17.74
N SER A 65 -11.06 -9.83 -17.13
CA SER A 65 -11.76 -11.05 -16.76
C SER A 65 -12.81 -10.79 -15.68
N VAL A 66 -12.49 -9.96 -14.69
CA VAL A 66 -13.44 -9.64 -13.64
C VAL A 66 -14.65 -8.94 -14.22
N THR A 67 -14.42 -7.95 -15.10
CA THR A 67 -15.53 -7.24 -15.72
C THR A 67 -16.34 -8.17 -16.62
N ASN A 68 -15.68 -9.08 -17.34
CA ASN A 68 -16.39 -10.04 -18.17
C ASN A 68 -17.30 -10.93 -17.33
N ALA A 69 -16.78 -11.45 -16.22
CA ALA A 69 -17.60 -12.31 -15.36
C ALA A 69 -18.77 -11.55 -14.77
N PHE A 70 -18.52 -10.33 -14.29
CA PHE A 70 -19.59 -9.54 -13.70
C PHE A 70 -20.67 -9.22 -14.74
N CYS A 71 -20.27 -8.91 -15.96
CA CYS A 71 -21.24 -8.58 -16.99
C CYS A 71 -21.98 -9.81 -17.50
N SER A 72 -21.33 -10.97 -17.50
CA SER A 72 -22.05 -12.21 -17.80
C SER A 72 -23.09 -12.51 -16.73
N GLN A 73 -22.75 -12.25 -15.46
CA GLN A 73 -23.74 -12.40 -14.39
C GLN A 73 -24.88 -11.41 -14.56
N PHE A 74 -24.56 -10.17 -14.92
CA PHE A 74 -25.58 -9.13 -15.01
C PHE A 74 -26.50 -9.35 -16.21
N SER A 75 -25.96 -9.83 -17.33
CA SER A 75 -26.78 -10.01 -18.53
C SER A 75 -27.90 -11.01 -18.27
N ARG A 76 -27.59 -12.14 -17.63
CA ARG A 76 -28.62 -13.04 -17.19
C ARG A 76 -29.32 -12.48 -15.94
N GLY A 77 -30.55 -12.90 -15.73
CA GLY A 77 -31.34 -12.37 -14.63
C GLY A 77 -30.81 -12.72 -13.27
N VAL A 78 -30.34 -11.71 -12.54
CA VAL A 78 -29.90 -11.87 -11.15
C VAL A 78 -30.49 -10.74 -10.32
N TYR A 79 -30.88 -11.05 -9.09
CA TYR A 79 -31.40 -10.05 -8.16
C TYR A 79 -30.37 -9.59 -7.15
N ALA A 80 -29.41 -10.44 -6.82
CA ALA A 80 -28.31 -10.07 -5.93
C ALA A 80 -27.08 -10.87 -6.34
N ILE A 81 -25.92 -10.38 -5.95
CA ILE A 81 -24.64 -11.01 -6.29
C ILE A 81 -23.88 -11.24 -5.00
N PHE A 82 -23.64 -12.51 -4.66
CA PHE A 82 -22.77 -12.87 -3.57
C PHE A 82 -21.38 -13.19 -4.13
N GLY A 83 -20.35 -12.68 -3.48
CA GLY A 83 -19.02 -12.94 -4.00
C GLY A 83 -17.94 -12.42 -3.07
N PHE A 84 -16.71 -12.58 -3.53
CA PHE A 84 -15.52 -12.16 -2.81
C PHE A 84 -14.73 -11.17 -3.65
N TYR A 85 -13.99 -10.30 -2.98
CA TYR A 85 -13.07 -9.39 -3.64
C TYR A 85 -11.81 -9.25 -2.80
N ASP A 86 -10.72 -8.91 -3.45
CA ASP A 86 -9.48 -8.53 -2.79
C ASP A 86 -9.14 -7.09 -3.16
N GLN A 87 -7.95 -6.63 -2.77
CA GLN A 87 -7.57 -5.25 -3.01
C GLN A 87 -7.45 -4.93 -4.51
N MET A 88 -7.30 -5.94 -5.36
CA MET A 88 -7.20 -5.70 -6.79
C MET A 88 -8.54 -5.71 -7.50
N SER A 89 -9.54 -6.40 -6.95
CA SER A 89 -10.86 -6.47 -7.56
C SER A 89 -11.94 -5.78 -6.74
N MET A 90 -11.56 -5.11 -5.64
CA MET A 90 -12.54 -4.37 -4.84
C MET A 90 -13.19 -3.27 -5.65
N ASN A 91 -12.39 -2.42 -6.29
CA ASN A 91 -12.91 -1.22 -6.91
C ASN A 91 -13.85 -1.54 -8.07
N THR A 92 -13.47 -2.50 -8.92
CA THR A 92 -14.27 -2.81 -10.09
C THR A 92 -15.66 -3.29 -9.69
N LEU A 93 -15.73 -4.32 -8.84
CA LEU A 93 -17.02 -4.87 -8.43
C LEU A 93 -17.83 -3.85 -7.64
N THR A 94 -17.20 -3.13 -6.72
CA THR A 94 -17.92 -2.16 -5.91
C THR A 94 -18.51 -1.05 -6.78
N SER A 95 -17.70 -0.51 -7.69
CA SER A 95 -18.18 0.57 -8.55
C SER A 95 -19.28 0.10 -9.49
N PHE A 96 -19.12 -1.10 -10.08
CA PHE A 96 -20.15 -1.60 -10.99
C PHE A 96 -21.46 -1.85 -10.25
N CYS A 97 -21.39 -2.43 -9.04
CA CYS A 97 -22.60 -2.66 -8.27
C CYS A 97 -23.26 -1.35 -7.85
N GLY A 98 -22.46 -0.37 -7.44
CA GLY A 98 -23.03 0.91 -7.05
C GLY A 98 -23.67 1.65 -8.21
N ALA A 99 -23.06 1.56 -9.39
CA ALA A 99 -23.58 2.28 -10.55
C ALA A 99 -24.80 1.59 -11.16
N LEU A 100 -24.83 0.26 -11.17
CA LEU A 100 -25.93 -0.48 -11.77
C LEU A 100 -27.04 -0.80 -10.78
N HIS A 101 -26.93 -0.33 -9.53
CA HIS A 101 -27.94 -0.58 -8.50
C HIS A 101 -28.20 -2.07 -8.31
N THR A 102 -27.11 -2.85 -8.28
CA THR A 102 -27.17 -4.28 -8.02
C THR A 102 -26.51 -4.55 -6.68
N SER A 103 -27.22 -5.20 -5.78
CA SER A 103 -26.69 -5.46 -4.45
C SER A 103 -25.59 -6.50 -4.50
N PHE A 104 -24.51 -6.25 -3.75
CA PHE A 104 -23.36 -7.15 -3.70
C PHE A 104 -23.17 -7.59 -2.25
N VAL A 105 -23.55 -8.82 -1.96
CA VAL A 105 -23.41 -9.37 -0.61
C VAL A 105 -22.07 -10.09 -0.53
N THR A 106 -21.20 -9.65 0.39
CA THR A 106 -19.85 -10.18 0.41
C THR A 106 -19.36 -10.51 1.82
N PRO A 107 -18.59 -11.59 1.99
CA PRO A 107 -17.89 -11.83 3.25
C PRO A 107 -16.50 -11.22 3.32
N SER A 108 -16.07 -10.51 2.29
CA SER A 108 -14.72 -9.97 2.23
C SER A 108 -14.58 -8.79 3.19
N PHE A 109 -13.40 -8.18 3.20
CA PHE A 109 -13.12 -7.09 4.12
C PHE A 109 -14.04 -5.91 3.83
N PRO A 110 -14.54 -5.23 4.86
CA PRO A 110 -15.39 -4.06 4.62
C PRO A 110 -14.64 -2.95 3.90
N THR A 111 -15.35 -2.25 3.04
CA THR A 111 -14.75 -1.16 2.28
C THR A 111 -14.41 0.00 3.20
N ASP A 112 -13.26 0.63 2.95
CA ASP A 112 -12.86 1.79 3.74
C ASP A 112 -13.81 2.95 3.53
N ALA A 113 -14.21 3.20 2.29
CA ALA A 113 -15.12 4.30 1.98
C ALA A 113 -16.56 3.87 2.16
N ASP A 114 -17.40 4.83 2.55
CA ASP A 114 -18.83 4.59 2.71
C ASP A 114 -19.48 4.61 1.33
N VAL A 115 -19.83 3.42 0.83
CA VAL A 115 -20.38 3.27 -0.51
C VAL A 115 -21.67 2.46 -0.41
N GLN A 116 -22.55 2.66 -1.39
CA GLN A 116 -23.87 2.06 -1.39
C GLN A 116 -23.90 0.78 -2.22
N PHE A 117 -25.03 0.06 -2.09
CA PHE A 117 -25.31 -1.14 -2.88
C PHE A 117 -24.28 -2.23 -2.66
N VAL A 118 -23.71 -2.31 -1.45
CA VAL A 118 -22.84 -3.41 -1.07
C VAL A 118 -23.10 -3.72 0.41
N ILE A 119 -23.30 -4.99 0.71
CA ILE A 119 -23.56 -5.46 2.07
C ILE A 119 -22.39 -6.35 2.45
N GLN A 120 -21.47 -5.80 3.25
CA GLN A 120 -20.30 -6.55 3.70
C GLN A 120 -20.57 -7.02 5.13
N MET A 121 -20.89 -8.29 5.28
CA MET A 121 -21.14 -8.87 6.60
C MET A 121 -19.90 -9.51 7.21
N ARG A 122 -18.81 -8.77 7.22
CA ARG A 122 -17.64 -9.11 8.03
C ARG A 122 -17.47 -8.02 9.07
N PRO A 123 -17.68 -8.29 10.35
CA PRO A 123 -17.61 -7.24 11.36
C PRO A 123 -16.23 -6.60 11.40
N ALA A 124 -16.19 -5.30 11.62
CA ALA A 124 -14.94 -4.56 11.69
C ALA A 124 -14.25 -4.84 13.02
N LEU A 125 -12.96 -5.16 12.95
CA LEU A 125 -12.16 -5.44 14.14
C LEU A 125 -11.63 -4.18 14.80
N LYS A 126 -11.85 -3.01 14.20
CA LYS A 126 -11.26 -1.77 14.70
C LYS A 126 -11.69 -1.49 16.13
N GLY A 127 -13.00 -1.53 16.40
CA GLY A 127 -13.48 -1.22 17.74
C GLY A 127 -12.98 -2.21 18.78
N ALA A 128 -13.01 -3.50 18.44
CA ALA A 128 -12.52 -4.52 19.37
C ALA A 128 -11.03 -4.35 19.64
N ILE A 129 -10.25 -4.05 18.60
CA ILE A 129 -8.82 -3.84 18.78
C ILE A 129 -8.57 -2.66 19.69
N LEU A 130 -9.27 -1.55 19.47
CA LEU A 130 -9.06 -0.38 20.31
C LEU A 130 -9.47 -0.65 21.75
N SER A 131 -10.59 -1.35 21.95
CA SER A 131 -11.04 -1.66 23.31
C SER A 131 -10.05 -2.56 24.03
N LEU A 132 -9.52 -3.57 23.34
CA LEU A 132 -8.53 -4.44 23.98
C LEU A 132 -7.23 -3.70 24.26
N LEU A 133 -6.84 -2.77 23.38
CA LEU A 133 -5.66 -1.97 23.65
C LEU A 133 -5.84 -1.10 24.88
N SER A 134 -7.02 -0.50 25.03
CA SER A 134 -7.29 0.31 26.21
C SER A 134 -7.37 -0.54 27.48
N TYR A 135 -7.98 -1.73 27.37
CA TYR A 135 -8.16 -2.58 28.54
C TYR A 135 -6.83 -3.16 29.02
N TYR A 136 -6.04 -3.69 28.10
CA TYR A 136 -4.71 -4.20 28.44
C TYR A 136 -3.71 -3.09 28.73
N LYS A 137 -4.06 -1.83 28.44
CA LYS A 137 -3.19 -0.69 28.62
C LYS A 137 -1.91 -0.84 27.79
N TRP A 138 -2.10 -0.93 26.48
CA TRP A 138 -1.01 -1.00 25.51
C TRP A 138 -0.64 0.41 25.06
N GLU A 139 0.04 1.12 25.97
CA GLU A 139 0.48 2.48 25.67
C GLU A 139 1.74 2.53 24.81
N LYS A 140 2.42 1.41 24.63
CA LYS A 140 3.59 1.34 23.78
C LYS A 140 3.67 -0.05 23.17
N PHE A 141 3.68 -0.12 21.84
CA PHE A 141 3.69 -1.42 21.18
C PHE A 141 4.16 -1.24 19.74
N VAL A 142 4.39 -2.38 19.08
CA VAL A 142 4.83 -2.44 17.70
C VAL A 142 3.69 -2.95 16.84
N TYR A 143 3.30 -2.17 15.84
CA TYR A 143 2.16 -2.48 14.98
C TYR A 143 2.69 -2.89 13.60
N LEU A 144 2.67 -4.19 13.33
CA LEU A 144 3.09 -4.72 12.04
C LEU A 144 1.85 -4.94 11.18
N TYR A 145 1.78 -4.26 10.05
CA TYR A 145 0.56 -4.25 9.25
C TYR A 145 0.87 -4.47 7.77
N ASP A 146 -0.14 -4.95 7.05
CA ASP A 146 -0.17 -4.92 5.61
C ASP A 146 -1.51 -4.39 5.15
N THR A 147 -1.55 -3.85 3.94
CA THR A 147 -2.73 -3.15 3.43
C THR A 147 -3.56 -4.02 2.51
N GLU A 148 -3.64 -5.32 2.79
CA GLU A 148 -4.41 -6.24 1.97
C GLU A 148 -5.86 -6.38 2.43
N ARG A 149 -6.25 -5.69 3.50
CA ARG A 149 -7.63 -5.70 3.98
C ARG A 149 -8.12 -4.29 4.26
N GLY A 150 -7.52 -3.29 3.60
CA GLY A 150 -7.92 -1.91 3.80
C GLY A 150 -7.04 -1.17 4.77
N PHE A 151 -7.34 0.13 4.91
CA PHE A 151 -6.58 1.02 5.77
C PHE A 151 -7.36 1.48 6.98
N SER A 152 -8.52 0.88 7.25
CA SER A 152 -9.36 1.33 8.36
C SER A 152 -8.67 1.12 9.70
N VAL A 153 -8.13 -0.07 9.92
CA VAL A 153 -7.47 -0.37 11.19
C VAL A 153 -6.23 0.50 11.36
N LEU A 154 -5.46 0.69 10.29
CA LEU A 154 -4.25 1.50 10.38
C LEU A 154 -4.58 2.95 10.75
N GLN A 155 -5.58 3.53 10.09
CA GLN A 155 -5.98 4.90 10.38
C GLN A 155 -6.51 5.01 11.80
N ALA A 156 -7.30 4.03 12.23
CA ALA A 156 -7.83 4.05 13.60
C ALA A 156 -6.70 3.98 14.62
N ILE A 157 -5.70 3.12 14.37
CA ILE A 157 -4.58 2.99 15.28
C ILE A 157 -3.81 4.31 15.35
N MET A 158 -3.57 4.95 14.20
CA MET A 158 -2.86 6.22 14.20
C MET A 158 -3.63 7.30 14.96
N GLU A 159 -4.94 7.39 14.73
CA GLU A 159 -5.73 8.41 15.42
C GLU A 159 -5.76 8.15 16.93
N ALA A 160 -5.91 6.88 17.33
CA ALA A 160 -5.91 6.55 18.75
C ALA A 160 -4.57 6.84 19.39
N ALA A 161 -3.47 6.56 18.69
CA ALA A 161 -2.15 6.87 19.21
C ALA A 161 -1.96 8.37 19.37
N VAL A 162 -2.45 9.15 18.41
CA VAL A 162 -2.30 10.60 18.50
C VAL A 162 -3.12 11.16 19.66
N GLN A 163 -4.37 10.70 19.82
CA GLN A 163 -5.22 11.27 20.84
C GLN A 163 -4.87 10.78 22.24
N ASN A 164 -4.40 9.54 22.36
CA ASN A 164 -4.07 8.95 23.66
C ASN A 164 -2.59 9.01 23.98
N ASN A 165 -1.78 9.63 23.11
CA ASN A 165 -0.33 9.74 23.31
C ASN A 165 0.32 8.38 23.50
N TRP A 166 -0.02 7.45 22.62
CA TRP A 166 0.61 6.14 22.62
C TRP A 166 1.96 6.20 21.92
N GLN A 167 2.76 5.15 22.13
CA GLN A 167 4.04 4.98 21.44
C GLN A 167 3.90 3.75 20.55
N VAL A 168 3.42 3.96 19.34
CA VAL A 168 3.18 2.90 18.37
C VAL A 168 4.28 2.95 17.33
N THR A 169 5.02 1.85 17.17
CA THR A 169 6.04 1.72 16.15
C THR A 169 5.43 0.94 14.99
N ALA A 170 5.03 1.66 13.95
CA ALA A 170 4.30 1.06 12.84
C ALA A 170 5.27 0.60 11.75
N ARG A 171 5.05 -0.61 11.24
CA ARG A 171 5.90 -1.17 10.20
C ARG A 171 5.03 -1.85 9.16
N SER A 172 5.23 -1.47 7.90
CA SER A 172 4.51 -2.07 6.77
C SER A 172 5.30 -3.28 6.29
N VAL A 173 4.81 -4.48 6.58
CA VAL A 173 5.47 -5.71 6.20
C VAL A 173 4.82 -6.37 5.00
N GLY A 174 3.94 -5.66 4.30
CA GLY A 174 3.28 -6.25 3.14
C GLY A 174 4.21 -6.52 1.98
N ASN A 175 5.22 -5.66 1.78
CA ASN A 175 6.12 -5.76 0.64
C ASN A 175 7.38 -6.53 0.96
N ILE A 176 7.46 -7.18 2.12
CA ILE A 176 8.63 -7.93 2.51
C ILE A 176 8.54 -9.34 1.93
N LYS A 177 9.54 -9.73 1.15
CA LYS A 177 9.61 -11.06 0.57
C LYS A 177 10.67 -11.95 1.21
N ASP A 178 11.57 -11.38 2.00
CA ASP A 178 12.69 -12.10 2.58
C ASP A 178 12.54 -12.15 4.09
N VAL A 179 12.67 -13.35 4.66
CA VAL A 179 12.39 -13.55 6.08
C VAL A 179 13.44 -12.87 6.96
N GLN A 180 14.65 -12.66 6.43
CA GLN A 180 15.67 -11.96 7.21
C GLN A 180 15.25 -10.54 7.53
N GLU A 181 14.40 -9.94 6.69
CA GLU A 181 13.85 -8.64 7.04
C GLU A 181 12.97 -8.72 8.28
N PHE A 182 12.15 -9.78 8.37
CA PHE A 182 11.36 -9.99 9.58
C PHE A 182 12.26 -10.20 10.79
N ARG A 183 13.32 -10.99 10.63
CA ARG A 183 14.23 -11.24 11.74
C ARG A 183 14.90 -9.94 12.19
N ARG A 184 15.31 -9.10 11.23
CA ARG A 184 15.93 -7.82 11.59
C ARG A 184 14.94 -6.91 12.30
N ILE A 185 13.69 -6.87 11.84
CA ILE A 185 12.67 -6.04 12.50
C ILE A 185 12.47 -6.51 13.94
N ILE A 186 12.37 -7.83 14.13
CA ILE A 186 12.13 -8.36 15.47
C ILE A 186 13.32 -8.09 16.37
N GLU A 187 14.54 -8.25 15.85
CA GLU A 187 15.74 -7.97 16.64
C GLU A 187 15.81 -6.50 17.03
N GLU A 188 15.52 -5.60 16.09
CA GLU A 188 15.53 -4.18 16.40
C GLU A 188 14.48 -3.83 17.44
N MET A 189 13.29 -4.44 17.33
CA MET A 189 12.24 -4.18 18.31
C MET A 189 12.65 -4.68 19.70
N ASP A 190 13.30 -5.85 19.75
CA ASP A 190 13.72 -6.38 21.05
C ASP A 190 14.85 -5.56 21.65
N ARG A 191 15.70 -4.96 20.80
CA ARG A 191 16.75 -4.08 21.30
C ARG A 191 16.15 -2.91 22.07
N ARG A 192 14.99 -2.41 21.63
N ARG A 192 14.99 -2.41 21.63
CA ARG A 192 14.31 -1.31 22.29
CA ARG A 192 14.31 -1.31 22.28
C ARG A 192 13.34 -1.77 23.36
C ARG A 192 13.36 -1.77 23.38
N GLN A 193 13.43 -3.03 23.78
CA GLN A 193 12.59 -3.60 24.84
C GLN A 193 11.10 -3.46 24.50
N GLU A 194 10.73 -3.94 23.32
CA GLU A 194 9.35 -3.99 22.88
C GLU A 194 8.80 -5.39 23.12
N LYS A 195 7.77 -5.49 23.95
CA LYS A 195 7.21 -6.79 24.32
C LYS A 195 5.83 -7.04 23.73
N ARG A 196 5.18 -6.02 23.17
CA ARG A 196 3.79 -6.13 22.72
C ARG A 196 3.71 -5.83 21.23
N TYR A 197 3.15 -6.77 20.48
CA TYR A 197 3.04 -6.68 19.03
C TYR A 197 1.58 -6.82 18.62
N LEU A 198 1.12 -5.90 17.77
CA LEU A 198 -0.18 -5.99 17.13
C LEU A 198 0.07 -6.31 15.66
N ILE A 199 -0.30 -7.51 15.24
CA ILE A 199 -0.01 -8.01 13.91
C ILE A 199 -1.31 -8.00 13.13
N ASP A 200 -1.54 -6.94 12.35
CA ASP A 200 -2.70 -6.86 11.47
C ASP A 200 -2.27 -7.23 10.05
N CYS A 201 -2.09 -8.53 9.84
CA CYS A 201 -1.60 -9.07 8.58
C CYS A 201 -2.45 -10.27 8.19
N GLU A 202 -2.16 -10.81 7.01
CA GLU A 202 -2.85 -12.01 6.54
C GLU A 202 -2.39 -13.22 7.35
N VAL A 203 -3.12 -14.32 7.17
CA VAL A 203 -2.83 -15.53 7.95
C VAL A 203 -1.43 -16.06 7.61
N GLU A 204 -1.08 -16.08 6.33
CA GLU A 204 0.23 -16.60 5.94
C GLU A 204 1.35 -15.69 6.44
N ARG A 205 1.17 -14.38 6.34
CA ARG A 205 2.18 -13.46 6.84
C ARG A 205 2.30 -13.54 8.35
N ILE A 206 1.17 -13.72 9.05
CA ILE A 206 1.23 -13.92 10.50
C ILE A 206 1.98 -15.20 10.83
N ASN A 207 1.75 -16.26 10.05
CA ASN A 207 2.48 -17.51 10.27
C ASN A 207 3.97 -17.32 10.07
N THR A 208 4.37 -16.58 9.03
CA THR A 208 5.78 -16.32 8.79
C THR A 208 6.40 -15.52 9.94
N ILE A 209 5.70 -14.49 10.41
CA ILE A 209 6.22 -13.68 11.51
C ILE A 209 6.35 -14.53 12.77
N LEU A 210 5.37 -15.39 13.04
CA LEU A 210 5.44 -16.24 14.22
C LEU A 210 6.55 -17.27 14.10
N GLU A 211 6.79 -17.80 12.91
CA GLU A 211 7.95 -18.67 12.70
C GLU A 211 9.24 -17.93 13.01
N GLN A 212 9.33 -16.68 12.58
CA GLN A 212 10.54 -15.90 12.85
C GLN A 212 10.71 -15.63 14.34
N VAL A 213 9.62 -15.32 15.05
CA VAL A 213 9.75 -15.05 16.49
C VAL A 213 10.08 -16.33 17.25
N VAL A 214 9.60 -17.49 16.76
CA VAL A 214 9.97 -18.76 17.37
C VAL A 214 11.46 -19.03 17.14
N ILE A 215 11.94 -18.76 15.92
CA ILE A 215 13.35 -18.98 15.60
C ILE A 215 14.23 -18.11 16.49
N LEU A 216 13.86 -16.84 16.67
CA LEU A 216 14.62 -15.92 17.50
C LEU A 216 14.36 -16.12 18.99
N GLY A 217 13.44 -17.00 19.37
CA GLY A 217 13.16 -17.22 20.76
C GLY A 217 12.37 -16.13 21.44
N LYS A 218 11.63 -15.33 20.68
CA LYS A 218 10.84 -14.24 21.22
C LYS A 218 9.46 -14.68 21.69
N HIS A 219 9.24 -15.99 21.80
CA HIS A 219 7.96 -16.54 22.26
C HIS A 219 8.00 -16.90 23.74
N SER A 220 8.83 -16.22 24.52
CA SER A 220 8.96 -16.48 25.95
C SER A 220 7.75 -15.91 26.68
N ARG A 221 7.75 -16.03 28.01
CA ARG A 221 6.61 -15.63 28.82
C ARG A 221 6.45 -14.12 28.91
N GLY A 222 7.45 -13.34 28.53
CA GLY A 222 7.39 -11.90 28.64
C GLY A 222 6.91 -11.16 27.42
N TYR A 223 6.33 -11.86 26.44
CA TYR A 223 5.89 -11.25 25.19
C TYR A 223 4.40 -11.48 24.99
N HIS A 224 3.75 -10.50 24.34
CA HIS A 224 2.33 -10.56 24.04
C HIS A 224 2.13 -10.24 22.57
N TYR A 225 1.39 -11.11 21.87
CA TYR A 225 1.08 -10.92 20.46
C TYR A 225 -0.43 -10.87 20.30
N MET A 226 -0.94 -9.77 19.77
CA MET A 226 -2.37 -9.60 19.52
C MET A 226 -2.60 -9.72 18.01
N LEU A 227 -3.17 -10.84 17.59
CA LEU A 227 -3.37 -11.13 16.17
C LEU A 227 -4.70 -10.51 15.73
N ALA A 228 -4.62 -9.38 15.04
CA ALA A 228 -5.80 -8.64 14.59
C ALA A 228 -6.27 -9.24 13.28
N ASN A 229 -6.86 -10.43 13.38
CA ASN A 229 -7.31 -11.15 12.19
C ASN A 229 -8.35 -12.19 12.62
N LEU A 230 -9.57 -12.06 12.10
CA LEU A 230 -10.56 -13.11 12.27
C LEU A 230 -10.09 -14.37 11.57
N GLY A 231 -10.33 -15.51 12.18
CA GLY A 231 -9.74 -16.74 11.69
C GLY A 231 -8.62 -17.20 12.61
N PHE A 232 -8.87 -17.08 13.92
CA PHE A 232 -7.90 -17.49 14.91
C PHE A 232 -7.57 -18.98 14.77
N THR A 233 -8.56 -19.79 14.41
CA THR A 233 -8.36 -21.23 14.27
C THR A 233 -7.49 -21.59 13.06
N ASP A 234 -7.25 -20.66 12.14
CA ASP A 234 -6.45 -20.94 10.96
C ASP A 234 -4.97 -20.69 11.21
N ILE A 235 -4.62 -19.73 12.07
CA ILE A 235 -3.23 -19.44 12.35
C ILE A 235 -2.60 -20.61 13.10
N LEU A 236 -1.33 -20.88 12.79
CA LEU A 236 -0.57 -21.94 13.44
C LEU A 236 0.05 -21.39 14.72
N LEU A 237 -0.45 -21.84 15.86
CA LEU A 237 0.01 -21.35 17.16
C LEU A 237 0.56 -22.46 18.04
N GLU A 238 0.86 -23.63 17.48
CA GLU A 238 1.30 -24.76 18.29
C GLU A 238 2.63 -24.47 18.97
N ARG A 239 3.58 -23.91 18.24
CA ARG A 239 4.92 -23.71 18.77
C ARG A 239 5.08 -22.44 19.58
N VAL A 240 4.12 -21.50 19.49
CA VAL A 240 4.26 -20.28 20.28
C VAL A 240 3.62 -20.46 21.66
N MET A 241 2.63 -21.36 21.77
CA MET A 241 2.04 -21.65 23.07
C MET A 241 3.06 -22.27 24.01
N HIS A 242 3.92 -23.15 23.49
CA HIS A 242 4.87 -23.88 24.33
C HIS A 242 5.83 -22.94 25.04
N GLY A 243 6.11 -21.78 24.46
CA GLY A 243 7.00 -20.82 25.10
C GLY A 243 6.36 -20.01 26.21
N GLY A 244 5.03 -19.97 26.26
CA GLY A 244 4.34 -19.25 27.31
C GLY A 244 3.98 -17.81 27.00
N ALA A 245 4.03 -17.40 25.74
CA ALA A 245 3.71 -16.03 25.38
C ALA A 245 2.20 -15.84 25.27
N ASN A 246 1.76 -14.64 25.64
CA ASN A 246 0.36 -14.29 25.47
C ASN A 246 0.01 -14.18 23.98
N ILE A 247 -1.17 -14.66 23.62
CA ILE A 247 -1.67 -14.57 22.24
C ILE A 247 -3.15 -14.23 22.32
N THR A 248 -3.50 -12.99 22.00
CA THR A 248 -4.88 -12.56 21.99
C THR A 248 -5.45 -12.68 20.57
N GLY A 249 -6.61 -13.32 20.45
CA GLY A 249 -7.23 -13.53 19.17
C GLY A 249 -8.70 -13.18 19.21
N PHE A 250 -9.27 -12.98 18.03
CA PHE A 250 -10.66 -12.60 17.88
C PHE A 250 -11.38 -13.59 16.96
N GLN A 251 -12.65 -13.83 17.26
CA GLN A 251 -13.45 -14.75 16.48
C GLN A 251 -14.89 -14.24 16.43
N ILE A 252 -15.63 -14.72 15.44
CA ILE A 252 -17.05 -14.41 15.32
C ILE A 252 -17.93 -15.65 15.31
N VAL A 253 -17.36 -16.83 15.19
CA VAL A 253 -18.11 -18.08 15.21
C VAL A 253 -17.97 -18.72 16.58
N ASN A 254 -19.09 -19.10 17.18
CA ASN A 254 -19.11 -19.72 18.49
C ASN A 254 -19.38 -21.21 18.32
N ASN A 255 -18.52 -22.05 18.90
CA ASN A 255 -18.64 -23.49 18.68
C ASN A 255 -19.81 -24.09 19.45
N GLU A 256 -20.16 -23.53 20.61
CA GLU A 256 -21.29 -24.05 21.38
C GLU A 256 -22.61 -23.41 20.98
N ASN A 257 -22.62 -22.55 19.97
CA ASN A 257 -23.87 -22.02 19.43
C ASN A 257 -24.68 -23.17 18.85
N PRO A 258 -25.95 -23.33 19.23
CA PRO A 258 -26.73 -24.46 18.70
C PRO A 258 -26.84 -24.49 17.18
N MET A 259 -26.97 -23.32 16.55
CA MET A 259 -27.05 -23.30 15.09
C MET A 259 -25.72 -23.73 14.47
N VAL A 260 -24.61 -23.25 15.00
CA VAL A 260 -23.30 -23.69 14.54
C VAL A 260 -23.14 -25.18 14.78
N GLN A 261 -23.59 -25.66 15.93
CA GLN A 261 -23.46 -27.08 16.26
C GLN A 261 -24.22 -27.94 15.25
N GLN A 262 -25.46 -27.58 14.94
CA GLN A 262 -26.23 -28.39 14.00
C GLN A 262 -25.68 -28.27 12.58
N PHE A 263 -25.19 -27.09 12.19
CA PHE A 263 -24.58 -26.96 10.87
C PHE A 263 -23.33 -27.84 10.76
N ILE A 264 -22.51 -27.87 11.80
CA ILE A 264 -21.33 -28.73 11.79
C ILE A 264 -21.73 -30.19 11.76
N GLN A 265 -22.76 -30.56 12.53
CA GLN A 265 -23.20 -31.94 12.56
C GLN A 265 -23.68 -32.40 11.20
N ARG A 266 -24.45 -31.56 10.50
CA ARG A 266 -24.93 -31.90 9.17
C ARG A 266 -23.91 -31.63 8.07
N TRP A 267 -22.79 -31.00 8.40
CA TRP A 267 -21.83 -30.51 7.42
C TRP A 267 -20.59 -31.38 7.31
N VAL A 268 -20.24 -32.13 8.35
CA VAL A 268 -19.06 -32.98 8.33
C VAL A 268 -19.39 -34.39 7.84
N ARG A 269 -20.57 -34.59 7.27
CA ARG A 269 -20.99 -35.88 6.76
C ARG A 269 -21.45 -35.78 5.30
N LEU A 270 -20.88 -34.82 4.58
CA LEU A 270 -21.11 -34.66 3.15
C LEU A 270 -19.87 -35.16 2.41
N ASP A 271 -20.08 -36.00 1.40
CA ASP A 271 -18.98 -36.58 0.65
C ASP A 271 -18.14 -35.50 -0.01
N GLU A 272 -16.82 -35.69 0.00
CA GLU A 272 -15.93 -34.69 -0.58
C GLU A 272 -15.80 -34.86 -2.09
N ARG A 273 -16.94 -34.94 -2.78
N ARG A 273 -16.94 -34.94 -2.78
CA ARG A 273 -16.96 -34.97 -4.24
CA ARG A 273 -16.96 -34.97 -4.24
C ARG A 273 -17.97 -33.96 -4.74
C ARG A 273 -17.97 -33.96 -4.74
N GLU A 274 -18.99 -33.68 -3.92
CA GLU A 274 -19.95 -32.62 -4.20
C GLU A 274 -19.69 -31.39 -3.34
N PHE A 275 -19.13 -31.57 -2.15
CA PHE A 275 -18.77 -30.48 -1.25
C PHE A 275 -17.32 -30.66 -0.83
N PRO A 276 -16.38 -30.32 -1.69
CA PRO A 276 -14.96 -30.49 -1.35
C PRO A 276 -14.55 -29.58 -0.19
N GLU A 277 -13.50 -30.00 0.51
CA GLU A 277 -12.88 -29.24 1.59
C GLU A 277 -13.82 -29.06 2.78
N ALA A 278 -14.79 -29.97 2.91
CA ALA A 278 -15.82 -29.86 3.95
C ALA A 278 -15.55 -30.78 5.14
N LYS A 279 -15.41 -32.07 4.89
CA LYS A 279 -15.32 -33.04 5.98
C LYS A 279 -13.95 -33.00 6.66
N ASN A 280 -12.89 -33.29 5.91
CA ASN A 280 -11.54 -33.34 6.48
C ASN A 280 -10.88 -31.96 6.40
N ALA A 281 -11.51 -30.98 7.04
CA ALA A 281 -11.03 -29.61 7.03
C ALA A 281 -11.74 -28.78 8.08
N PRO A 282 -11.02 -27.92 8.80
CA PRO A 282 -11.68 -27.00 9.73
C PRO A 282 -12.53 -25.98 9.00
N LEU A 283 -13.59 -25.53 9.67
CA LEU A 283 -14.53 -24.58 9.09
C LEU A 283 -13.97 -23.17 9.24
N LYS A 284 -13.67 -22.53 8.12
CA LYS A 284 -13.24 -21.14 8.14
C LYS A 284 -14.41 -20.23 8.46
N TYR A 285 -14.10 -19.05 9.01
CA TYR A 285 -15.16 -18.11 9.35
C TYR A 285 -15.84 -17.56 8.10
N THR A 286 -15.15 -17.57 6.97
CA THR A 286 -15.76 -17.10 5.73
C THR A 286 -16.88 -18.03 5.26
N SER A 287 -16.77 -19.32 5.55
CA SER A 287 -17.87 -20.24 5.23
C SER A 287 -19.10 -19.95 6.10
N ALA A 288 -18.89 -19.64 7.38
CA ALA A 288 -19.99 -19.21 8.22
C ALA A 288 -20.60 -17.92 7.72
N LEU A 289 -19.77 -16.98 7.26
CA LEU A 289 -20.29 -15.75 6.69
C LEU A 289 -21.06 -16.02 5.41
N THR A 290 -20.65 -17.01 4.62
CA THR A 290 -21.40 -17.38 3.42
C THR A 290 -22.77 -17.95 3.78
N HIS A 291 -22.82 -18.82 4.79
CA HIS A 291 -24.11 -19.35 5.24
C HIS A 291 -25.01 -18.23 5.74
N ASP A 292 -24.44 -17.29 6.50
CA ASP A 292 -25.19 -16.14 6.98
C ASP A 292 -25.65 -15.26 5.84
N ALA A 293 -24.85 -15.14 4.78
CA ALA A 293 -25.24 -14.36 3.62
C ALA A 293 -26.44 -14.99 2.92
N ILE A 294 -26.45 -16.32 2.80
CA ILE A 294 -27.61 -16.99 2.23
C ILE A 294 -28.84 -16.76 3.11
N LEU A 295 -28.66 -16.83 4.43
CA LEU A 295 -29.77 -16.55 5.35
C LEU A 295 -30.30 -15.13 5.14
N VAL A 296 -29.40 -14.16 5.02
CA VAL A 296 -29.78 -12.76 4.86
C VAL A 296 -30.54 -12.56 3.55
N ILE A 297 -30.05 -13.16 2.46
CA ILE A 297 -30.71 -13.02 1.17
C ILE A 297 -32.11 -13.62 1.21
N ALA A 298 -32.23 -14.82 1.79
CA ALA A 298 -33.54 -15.45 1.88
C ALA A 298 -34.49 -14.62 2.72
N GLU A 299 -34.03 -14.09 3.86
CA GLU A 299 -34.88 -13.28 4.71
C GLU A 299 -35.32 -12.01 4.00
N ALA A 300 -34.39 -11.34 3.31
CA ALA A 300 -34.72 -10.10 2.62
C ALA A 300 -35.75 -10.32 1.53
N PHE A 301 -35.59 -11.39 0.75
CA PHE A 301 -36.56 -11.61 -0.33
C PHE A 301 -37.89 -12.13 0.20
N ARG A 302 -37.88 -12.86 1.32
CA ARG A 302 -39.14 -13.22 1.96
C ARG A 302 -39.87 -11.98 2.45
N TYR A 303 -39.14 -11.02 3.02
CA TYR A 303 -39.76 -9.76 3.42
C TYR A 303 -40.31 -9.01 2.22
N LEU A 304 -39.56 -8.99 1.12
CA LEU A 304 -40.04 -8.33 -0.09
C LEU A 304 -41.34 -8.96 -0.59
N ARG A 305 -41.43 -10.28 -0.55
CA ARG A 305 -42.68 -10.94 -0.93
C ARG A 305 -43.79 -10.62 0.05
N ARG A 306 -43.48 -10.52 1.34
CA ARG A 306 -44.50 -10.24 2.35
C ARG A 306 -45.15 -8.88 2.14
N GLN A 307 -44.34 -7.87 1.81
CA GLN A 307 -44.86 -6.52 1.61
C GLN A 307 -45.43 -6.31 0.21
N ARG A 308 -45.45 -7.34 -0.63
CA ARG A 308 -45.95 -7.25 -2.00
C ARG A 308 -45.18 -6.21 -2.81
N VAL A 309 -43.89 -6.05 -2.53
CA VAL A 309 -43.08 -5.12 -3.29
C VAL A 309 -42.81 -5.70 -4.67
N ASP A 310 -43.06 -4.90 -5.71
CA ASP A 310 -42.89 -5.33 -7.09
C ASP A 310 -41.40 -5.33 -7.40
N VAL A 311 -40.80 -6.52 -7.47
CA VAL A 311 -39.41 -6.69 -7.84
C VAL A 311 -39.34 -7.70 -8.97
N SER A 312 -38.65 -7.34 -10.05
CA SER A 312 -38.50 -8.22 -11.21
C SER A 312 -37.43 -7.69 -12.16
N ALA A 317 -32.40 -7.27 -18.63
CA ALA A 317 -31.46 -6.48 -17.83
C ALA A 317 -30.65 -5.54 -18.73
N GLY A 318 -30.15 -6.07 -19.83
CA GLY A 318 -29.37 -5.27 -20.77
C GLY A 318 -27.89 -5.58 -20.68
N ASP A 319 -27.08 -4.52 -20.61
CA ASP A 319 -25.63 -4.67 -20.52
C ASP A 319 -25.09 -3.72 -19.45
N CYS A 320 -23.85 -3.98 -19.03
CA CYS A 320 -23.21 -3.15 -18.02
C CYS A 320 -23.04 -1.73 -18.52
N LEU A 321 -22.49 -1.58 -19.72
CA LEU A 321 -22.03 -0.28 -20.22
C LEU A 321 -23.06 0.21 -21.23
N ALA A 322 -24.03 0.99 -20.74
CA ALA A 322 -25.12 1.50 -21.56
C ALA A 322 -25.22 3.01 -21.41
N ASN A 323 -24.08 3.68 -21.53
CA ASN A 323 -23.98 5.12 -21.28
C ASN A 323 -24.94 5.87 -22.19
N PRO A 324 -25.87 6.67 -21.64
CA PRO A 324 -26.07 6.97 -20.21
C PRO A 324 -26.74 5.82 -19.46
N ALA A 325 -26.06 5.27 -18.47
CA ALA A 325 -26.57 4.10 -17.76
C ALA A 325 -27.79 4.48 -16.93
N VAL A 326 -28.86 3.71 -17.08
CA VAL A 326 -30.09 3.89 -16.31
C VAL A 326 -30.24 2.70 -15.38
N PRO A 327 -30.10 2.91 -14.07
CA PRO A 327 -30.26 1.80 -13.12
C PRO A 327 -31.70 1.31 -13.07
N TRP A 328 -31.85 0.01 -12.83
CA TRP A 328 -33.18 -0.58 -12.74
C TRP A 328 -33.84 -0.20 -11.43
N SER A 329 -35.10 0.24 -11.50
CA SER A 329 -35.70 1.01 -10.41
C SER A 329 -35.91 0.19 -9.15
N GLN A 330 -36.25 -1.08 -9.28
CA GLN A 330 -36.53 -1.90 -8.11
C GLN A 330 -35.31 -2.17 -7.25
N GLY A 331 -34.10 -2.02 -7.81
CA GLY A 331 -32.89 -2.43 -7.10
C GLY A 331 -32.76 -1.75 -5.75
N ILE A 332 -33.06 -0.45 -5.69
CA ILE A 332 -32.96 0.28 -4.42
C ILE A 332 -33.79 -0.42 -3.35
N ASP A 333 -35.04 -0.77 -3.69
CA ASP A 333 -35.88 -1.47 -2.72
C ASP A 333 -35.18 -2.72 -2.20
N ILE A 334 -34.61 -3.51 -3.11
CA ILE A 334 -33.91 -4.72 -2.69
C ILE A 334 -32.80 -4.38 -1.69
N GLU A 335 -32.03 -3.33 -1.98
CA GLU A 335 -30.98 -2.92 -1.06
C GLU A 335 -31.56 -2.64 0.31
N ARG A 336 -32.67 -1.89 0.35
CA ARG A 336 -33.32 -1.62 1.64
C ARG A 336 -33.72 -2.91 2.32
N ALA A 337 -34.30 -3.84 1.55
CA ALA A 337 -34.70 -5.12 2.13
C ALA A 337 -33.50 -5.87 2.67
N LEU A 338 -32.33 -5.67 2.07
CA LEU A 338 -31.14 -6.40 2.54
C LEU A 338 -30.51 -5.71 3.74
N LYS A 339 -30.91 -4.46 4.01
CA LYS A 339 -30.25 -3.72 5.07
C LYS A 339 -31.09 -3.58 6.33
N MET A 340 -32.38 -3.88 6.26
CA MET A 340 -33.25 -3.82 7.43
C MET A 340 -33.37 -5.16 8.15
N VAL A 341 -32.75 -6.23 7.63
CA VAL A 341 -32.90 -7.54 8.24
C VAL A 341 -32.21 -7.56 9.60
N GLN A 342 -32.82 -8.27 10.54
CA GLN A 342 -32.20 -8.64 11.80
C GLN A 342 -32.37 -10.15 11.94
N VAL A 343 -31.29 -10.90 11.73
CA VAL A 343 -31.37 -12.35 11.66
C VAL A 343 -30.34 -12.94 12.61
N GLN A 344 -30.54 -14.21 12.94
CA GLN A 344 -29.62 -14.95 13.80
C GLN A 344 -28.92 -16.01 12.96
N GLY A 345 -27.61 -15.87 12.82
CA GLY A 345 -26.84 -16.81 12.03
C GLY A 345 -25.69 -17.41 12.79
N MET A 346 -24.78 -18.10 12.08
CA MET A 346 -23.67 -18.77 12.74
C MET A 346 -22.70 -17.78 13.38
N THR A 347 -22.74 -16.51 12.97
CA THR A 347 -21.93 -15.47 13.56
C THR A 347 -22.68 -14.66 14.61
N GLY A 348 -23.90 -15.08 14.96
CA GLY A 348 -24.67 -14.38 15.97
C GLY A 348 -25.71 -13.45 15.39
N ASN A 349 -25.86 -12.27 15.99
CA ASN A 349 -26.81 -11.29 15.48
C ASN A 349 -26.26 -10.68 14.19
N ILE A 350 -27.11 -10.59 13.18
CA ILE A 350 -26.75 -10.00 11.90
C ILE A 350 -27.71 -8.86 11.62
N GLN A 351 -27.18 -7.65 11.58
CA GLN A 351 -27.91 -6.43 11.22
C GLN A 351 -26.95 -5.53 10.46
N PHE A 352 -27.51 -4.62 9.66
CA PHE A 352 -26.71 -3.72 8.85
C PHE A 352 -27.21 -2.29 9.00
N ASP A 353 -26.28 -1.34 8.85
CA ASP A 353 -26.60 0.06 8.89
C ASP A 353 -26.83 0.58 7.47
N THR A 354 -26.93 1.91 7.32
CA THR A 354 -27.25 2.50 6.03
C THR A 354 -26.15 2.27 4.99
N TYR A 355 -24.93 1.98 5.41
CA TYR A 355 -23.82 1.77 4.50
C TYR A 355 -23.52 0.29 4.27
N GLY A 356 -24.34 -0.61 4.82
CA GLY A 356 -24.16 -2.03 4.63
C GLY A 356 -23.24 -2.70 5.63
N ARG A 357 -22.60 -1.93 6.51
CA ARG A 357 -21.69 -2.51 7.49
C ARG A 357 -22.48 -3.11 8.64
N ARG A 358 -21.93 -4.17 9.23
CA ARG A 358 -22.60 -4.86 10.33
C ARG A 358 -22.68 -3.97 11.55
N THR A 359 -23.81 -4.06 12.26
CA THR A 359 -24.03 -3.31 13.49
C THR A 359 -24.59 -4.24 14.56
N ASN A 360 -24.37 -3.86 15.81
CA ASN A 360 -24.86 -4.60 16.97
C ASN A 360 -24.38 -6.05 16.91
N TYR A 361 -23.10 -6.23 16.62
CA TYR A 361 -22.47 -7.54 16.53
C TYR A 361 -21.61 -7.80 17.77
N THR A 362 -21.27 -9.08 17.97
CA THR A 362 -20.44 -9.51 19.08
C THR A 362 -19.21 -10.21 18.55
N ILE A 363 -18.06 -9.88 19.11
CA ILE A 363 -16.79 -10.48 18.73
C ILE A 363 -16.19 -11.15 19.97
N ASP A 364 -15.99 -12.45 19.89
CA ASP A 364 -15.41 -13.18 21.02
C ASP A 364 -13.90 -13.00 21.04
N VAL A 365 -13.35 -12.80 22.23
CA VAL A 365 -11.92 -12.57 22.42
C VAL A 365 -11.37 -13.76 23.21
N TYR A 366 -10.37 -14.42 22.62
CA TYR A 366 -9.75 -15.62 23.18
C TYR A 366 -8.34 -15.26 23.62
N GLU A 367 -8.02 -15.54 24.89
CA GLU A 367 -6.69 -15.27 25.41
C GLU A 367 -5.76 -16.48 25.24
N MET A 368 -6.28 -17.68 25.51
CA MET A 368 -5.64 -18.96 25.18
C MET A 368 -4.18 -19.05 25.62
N LYS A 369 -3.76 -18.20 26.58
CA LYS A 369 -2.42 -18.32 27.13
C LYS A 369 -2.26 -19.63 27.90
N VAL A 370 -3.35 -20.10 28.52
CA VAL A 370 -3.37 -21.40 29.17
C VAL A 370 -3.29 -22.46 28.07
N SER A 371 -2.82 -23.67 28.41
CA SER A 371 -2.74 -24.76 27.46
C SER A 371 -4.12 -25.02 26.86
N GLY A 372 -4.26 -24.77 25.56
CA GLY A 372 -5.56 -24.79 24.90
C GLY A 372 -6.05 -23.39 24.61
N SER A 373 -7.32 -23.31 24.22
CA SER A 373 -7.97 -22.04 23.89
C SER A 373 -9.05 -21.74 24.92
N ARG A 374 -8.95 -20.57 25.54
CA ARG A 374 -9.95 -20.09 26.49
C ARG A 374 -10.46 -18.74 26.03
N LYS A 375 -11.79 -18.58 26.02
CA LYS A 375 -12.41 -17.36 25.52
C LYS A 375 -12.39 -16.34 26.65
N ALA A 376 -11.49 -15.35 26.54
CA ALA A 376 -11.30 -14.38 27.62
C ALA A 376 -12.52 -13.52 27.83
N GLY A 377 -13.30 -13.26 26.78
CA GLY A 377 -14.48 -12.44 26.92
C GLY A 377 -15.12 -12.15 25.59
N TYR A 378 -15.89 -11.06 25.54
CA TYR A 378 -16.53 -10.66 24.30
C TYR A 378 -16.54 -9.14 24.20
N TRP A 379 -16.79 -8.67 22.98
CA TRP A 379 -16.83 -7.24 22.65
C TRP A 379 -18.12 -6.93 21.93
N ASN A 380 -18.79 -5.86 22.34
CA ASN A 380 -20.00 -5.38 21.71
C ASN A 380 -19.90 -3.87 21.58
N GLU A 381 -20.66 -3.32 20.62
CA GLU A 381 -20.56 -1.89 20.32
C GLU A 381 -20.99 -1.04 21.52
N TYR A 382 -22.04 -1.45 22.22
CA TYR A 382 -22.62 -0.63 23.29
C TYR A 382 -21.93 -0.90 24.63
N GLU A 383 -21.98 -2.15 25.10
CA GLU A 383 -21.14 -2.58 26.22
C GLU A 383 -19.82 -3.03 25.63
N ARG A 384 -18.78 -2.21 25.80
CA ARG A 384 -17.60 -2.30 24.96
C ARG A 384 -16.91 -3.66 25.07
N PHE A 385 -16.31 -3.96 26.22
CA PHE A 385 -15.58 -5.21 26.39
C PHE A 385 -15.96 -5.83 27.73
N VAL A 386 -16.57 -7.00 27.68
CA VAL A 386 -16.96 -7.74 28.88
C VAL A 386 -15.99 -8.91 29.03
N PRO A 387 -15.09 -8.88 30.01
CA PRO A 387 -14.21 -10.02 30.25
C PRO A 387 -14.88 -11.05 31.14
N PHE A 388 -14.19 -12.17 31.34
CA PHE A 388 -14.70 -13.26 32.15
C PHE A 388 -13.91 -13.43 33.44
N PHE B 10 -4.62 2.86 -46.98
CA PHE B 10 -4.37 3.63 -45.77
C PHE B 10 -5.36 4.79 -45.66
N PRO B 11 -5.98 4.94 -44.50
CA PRO B 11 -6.98 6.01 -44.33
C PRO B 11 -6.37 7.39 -44.48
N ASN B 12 -7.19 8.32 -44.97
CA ASN B 12 -6.73 9.70 -45.13
C ASN B 12 -6.48 10.37 -43.77
N THR B 13 -7.10 9.87 -42.71
CA THR B 13 -6.93 10.40 -41.37
C THR B 13 -6.74 9.25 -40.38
N ILE B 14 -6.04 9.54 -39.29
CA ILE B 14 -5.81 8.59 -38.22
C ILE B 14 -6.39 9.17 -36.94
N SER B 15 -7.28 8.43 -36.29
CA SER B 15 -7.95 8.87 -35.08
C SER B 15 -7.36 8.14 -33.89
N ILE B 16 -7.01 8.90 -32.86
CA ILE B 16 -6.44 8.34 -31.64
C ILE B 16 -7.21 8.84 -30.43
N GLY B 17 -7.30 8.00 -29.40
CA GLY B 17 -7.95 8.38 -28.19
C GLY B 17 -6.97 8.93 -27.16
N GLY B 18 -7.52 9.65 -26.19
CA GLY B 18 -6.72 10.21 -25.13
C GLY B 18 -7.45 10.19 -23.81
N LEU B 19 -6.80 9.66 -22.77
CA LEU B 19 -7.39 9.48 -21.46
C LEU B 19 -6.59 10.28 -20.45
N PHE B 20 -7.17 11.37 -19.97
CA PHE B 20 -6.49 12.26 -19.03
C PHE B 20 -7.16 12.18 -17.68
N MET B 21 -6.40 12.53 -16.64
CA MET B 21 -6.90 12.48 -15.27
C MET B 21 -6.63 13.80 -14.56
N ARG B 22 -6.79 13.83 -13.24
CA ARG B 22 -6.55 15.03 -12.47
C ARG B 22 -5.08 15.45 -12.56
N ASN B 23 -4.85 16.75 -12.40
CA ASN B 23 -3.49 17.33 -12.44
C ASN B 23 -2.78 16.99 -13.75
N THR B 24 -3.52 17.09 -14.86
CA THR B 24 -3.00 16.78 -16.18
C THR B 24 -3.41 17.87 -17.17
N VAL B 25 -3.19 19.12 -16.78
CA VAL B 25 -3.56 20.26 -17.63
C VAL B 25 -2.42 20.61 -18.59
N GLN B 26 -1.20 20.74 -18.08
CA GLN B 26 -0.07 21.02 -18.95
C GLN B 26 0.18 19.89 -19.93
N GLU B 27 -0.02 18.64 -19.49
CA GLU B 27 0.12 17.51 -20.38
C GLU B 27 -0.93 17.54 -21.49
N HIS B 28 -2.16 17.90 -21.14
CA HIS B 28 -3.20 18.03 -22.15
C HIS B 28 -2.86 19.14 -23.16
N SER B 29 -2.36 20.27 -22.67
CA SER B 29 -1.95 21.35 -23.56
C SER B 29 -0.81 20.90 -24.47
N ALA B 30 0.16 20.15 -23.92
CA ALA B 30 1.26 19.65 -24.73
C ALA B 30 0.78 18.65 -25.79
N PHE B 31 -0.18 17.80 -25.42
CA PHE B 31 -0.76 16.86 -26.38
C PHE B 31 -1.41 17.61 -27.53
N ARG B 32 -2.25 18.59 -27.20
CA ARG B 32 -2.93 19.36 -28.24
C ARG B 32 -1.94 20.11 -29.11
N PHE B 33 -0.93 20.73 -28.49
CA PHE B 33 0.05 21.50 -29.24
C PHE B 33 0.89 20.60 -30.15
N ALA B 34 1.26 19.41 -29.68
CA ALA B 34 2.03 18.49 -30.51
C ALA B 34 1.20 17.99 -31.69
N VAL B 35 -0.08 17.69 -31.47
CA VAL B 35 -0.93 17.29 -32.58
C VAL B 35 -1.06 18.43 -33.58
N GLN B 36 -1.23 19.65 -33.09
CA GLN B 36 -1.30 20.81 -33.97
C GLN B 36 -0.02 20.99 -34.77
N LEU B 37 1.13 20.82 -34.12
CA LEU B 37 2.41 20.93 -34.80
C LEU B 37 2.55 19.88 -35.90
N TYR B 38 2.12 18.65 -35.61
CA TYR B 38 2.18 17.61 -36.64
C TYR B 38 1.26 17.95 -37.81
N ASN B 39 0.06 18.44 -37.52
CA ASN B 39 -0.92 18.71 -38.57
C ASN B 39 -0.61 19.96 -39.38
N THR B 40 0.21 20.88 -38.86
CA THR B 40 0.45 22.15 -39.50
C THR B 40 1.63 22.12 -40.49
N ASN B 41 2.29 20.98 -40.64
CA ASN B 41 3.39 20.88 -41.57
C ASN B 41 2.88 20.93 -43.01
N GLN B 42 3.72 21.45 -43.90
CA GLN B 42 3.37 21.64 -45.31
C GLN B 42 4.26 20.85 -46.26
N ASN B 43 5.18 20.04 -45.73
CA ASN B 43 6.05 19.26 -46.60
C ASN B 43 5.30 18.11 -47.25
N THR B 44 4.21 17.67 -46.61
CA THR B 44 3.32 16.62 -47.11
C THR B 44 4.03 15.27 -47.16
N THR B 45 5.30 15.23 -46.76
CA THR B 45 6.04 13.98 -46.66
C THR B 45 6.04 13.39 -45.26
N GLU B 46 6.25 14.20 -44.23
CA GLU B 46 6.09 13.74 -42.86
C GLU B 46 4.66 13.88 -42.36
N LYS B 47 3.76 14.42 -43.16
CA LYS B 47 2.34 14.53 -42.83
C LYS B 47 1.51 13.98 -43.98
N PRO B 48 1.52 12.66 -44.18
CA PRO B 48 0.69 12.08 -45.24
C PRO B 48 -0.77 11.90 -44.85
N PHE B 49 -1.11 12.10 -43.59
CA PHE B 49 -2.49 11.91 -43.13
C PHE B 49 -2.76 12.91 -42.01
N HIS B 50 -4.04 13.27 -41.86
CA HIS B 50 -4.44 14.10 -40.74
C HIS B 50 -4.47 13.27 -39.46
N LEU B 51 -4.32 13.96 -38.33
CA LEU B 51 -4.31 13.33 -37.02
C LEU B 51 -5.45 13.89 -36.19
N ASN B 52 -6.50 13.11 -36.00
CA ASN B 52 -7.64 13.47 -35.18
C ASN B 52 -7.53 12.80 -33.82
N TYR B 53 -7.99 13.50 -32.79
CA TYR B 53 -7.89 13.01 -31.42
C TYR B 53 -9.23 13.16 -30.72
N HIS B 54 -9.56 12.18 -29.88
CA HIS B 54 -10.64 12.29 -28.92
C HIS B 54 -10.05 12.40 -27.53
N VAL B 55 -10.69 13.17 -26.66
CA VAL B 55 -10.16 13.41 -25.32
C VAL B 55 -11.26 13.14 -24.30
N ASP B 56 -10.92 12.33 -23.29
CA ASP B 56 -11.82 12.07 -22.18
C ASP B 56 -11.06 12.21 -20.87
N HIS B 57 -11.65 12.93 -19.92
CA HIS B 57 -11.12 13.04 -18.56
C HIS B 57 -11.87 12.04 -17.68
N LEU B 58 -11.11 11.20 -16.97
CA LEU B 58 -11.68 10.12 -16.19
C LEU B 58 -11.20 10.18 -14.75
N ASP B 59 -12.03 9.69 -13.85
CA ASP B 59 -11.72 9.60 -12.43
C ASP B 59 -11.16 8.21 -12.16
N SER B 60 -9.90 8.13 -11.75
CA SER B 60 -9.26 6.84 -11.56
C SER B 60 -9.87 6.07 -10.40
N SER B 61 -10.41 6.78 -9.40
CA SER B 61 -10.97 6.12 -8.22
C SER B 61 -12.28 5.40 -8.50
N ASN B 62 -12.90 5.63 -9.67
CA ASN B 62 -14.15 4.98 -10.04
C ASN B 62 -13.88 4.12 -11.27
N SER B 63 -13.82 2.79 -11.08
CA SER B 63 -13.53 1.90 -12.18
C SER B 63 -14.64 1.93 -13.24
N PHE B 64 -15.88 2.19 -12.83
CA PHE B 64 -16.97 2.26 -13.79
C PHE B 64 -16.76 3.39 -14.78
N SER B 65 -16.33 4.55 -14.30
CA SER B 65 -16.09 5.69 -15.19
C SER B 65 -14.92 5.40 -16.13
N VAL B 66 -13.86 4.77 -15.62
CA VAL B 66 -12.71 4.43 -16.46
C VAL B 66 -13.13 3.48 -17.57
N THR B 67 -13.92 2.45 -17.21
CA THR B 67 -14.37 1.50 -18.21
C THR B 67 -15.30 2.16 -19.22
N ASN B 68 -16.18 3.06 -18.76
CA ASN B 68 -17.05 3.79 -19.67
C ASN B 68 -16.25 4.62 -20.66
N ALA B 69 -15.24 5.35 -20.18
CA ALA B 69 -14.44 6.18 -21.06
C ALA B 69 -13.68 5.33 -22.08
N PHE B 70 -13.04 4.25 -21.61
CA PHE B 70 -12.29 3.39 -22.51
C PHE B 70 -13.19 2.76 -23.56
N CYS B 71 -14.37 2.29 -23.16
CA CYS B 71 -15.26 1.65 -24.12
C CYS B 71 -15.88 2.66 -25.07
N SER B 72 -16.16 3.88 -24.62
CA SER B 72 -16.66 4.91 -25.52
C SER B 72 -15.62 5.24 -26.58
N GLN B 73 -14.35 5.39 -26.18
CA GLN B 73 -13.30 5.66 -27.16
C GLN B 73 -13.10 4.47 -28.09
N PHE B 74 -13.18 3.24 -27.56
CA PHE B 74 -13.02 2.06 -28.40
C PHE B 74 -14.15 1.95 -29.42
N SER B 75 -15.38 2.25 -29.02
CA SER B 75 -16.51 2.16 -29.93
C SER B 75 -16.49 3.29 -30.95
N ARG B 76 -15.98 4.47 -30.56
CA ARG B 76 -15.87 5.57 -31.51
C ARG B 76 -14.96 5.23 -32.67
N GLY B 77 -13.97 4.36 -32.44
CA GLY B 77 -13.05 3.96 -33.48
C GLY B 77 -11.71 4.66 -33.38
N VAL B 78 -10.72 3.99 -32.78
CA VAL B 78 -9.40 4.55 -32.60
C VAL B 78 -8.37 3.50 -32.98
N TYR B 79 -7.16 3.96 -33.29
CA TYR B 79 -6.05 3.06 -33.59
C TYR B 79 -5.06 2.93 -32.45
N ALA B 80 -5.08 3.85 -31.49
CA ALA B 80 -4.24 3.81 -30.31
C ALA B 80 -4.78 4.81 -29.30
N ILE B 81 -4.58 4.52 -28.02
CA ILE B 81 -4.98 5.41 -26.94
C ILE B 81 -3.73 5.91 -26.23
N PHE B 82 -3.52 7.22 -26.28
CA PHE B 82 -2.56 7.88 -25.41
C PHE B 82 -3.26 8.26 -24.11
N GLY B 83 -2.54 8.24 -23.02
CA GLY B 83 -3.11 8.66 -21.76
C GLY B 83 -2.25 8.29 -20.58
N PHE B 84 -2.82 8.51 -19.40
CA PHE B 84 -2.15 8.29 -18.13
C PHE B 84 -2.95 7.28 -17.32
N TYR B 85 -2.27 6.55 -16.44
CA TYR B 85 -2.94 5.69 -15.49
C TYR B 85 -2.34 5.91 -14.11
N ASP B 86 -3.17 5.72 -13.09
CA ASP B 86 -2.75 5.77 -11.70
C ASP B 86 -2.53 4.35 -11.21
N GLN B 87 -2.13 4.21 -9.94
CA GLN B 87 -1.98 2.88 -9.36
C GLN B 87 -3.31 2.15 -9.26
N MET B 88 -4.43 2.88 -9.33
CA MET B 88 -5.74 2.26 -9.28
C MET B 88 -6.28 1.92 -10.67
N SER B 89 -6.04 2.77 -11.66
CA SER B 89 -6.53 2.55 -13.01
C SER B 89 -5.50 1.88 -13.91
N MET B 90 -4.33 1.51 -13.38
CA MET B 90 -3.34 0.84 -14.20
C MET B 90 -3.85 -0.51 -14.69
N ASN B 91 -4.38 -1.32 -13.78
CA ASN B 91 -4.79 -2.68 -14.13
C ASN B 91 -5.92 -2.66 -15.15
N THR B 92 -6.91 -1.79 -14.95
CA THR B 92 -8.07 -1.77 -15.85
C THR B 92 -7.65 -1.42 -17.28
N LEU B 93 -6.92 -0.32 -17.44
CA LEU B 93 -6.52 0.12 -18.77
C LEU B 93 -5.55 -0.88 -19.41
N THR B 94 -4.59 -1.39 -18.63
CA THR B 94 -3.63 -2.34 -19.18
C THR B 94 -4.32 -3.62 -19.64
N SER B 95 -5.23 -4.15 -18.83
CA SER B 95 -5.93 -5.37 -19.19
C SER B 95 -6.83 -5.15 -20.40
N PHE B 96 -7.55 -4.04 -20.44
CA PHE B 96 -8.45 -3.78 -21.56
C PHE B 96 -7.67 -3.56 -22.86
N CYS B 97 -6.50 -2.94 -22.77
CA CYS B 97 -5.70 -2.72 -23.98
C CYS B 97 -5.03 -4.00 -24.45
N GLY B 98 -4.54 -4.82 -23.52
CA GLY B 98 -3.90 -6.06 -23.91
C GLY B 98 -4.87 -7.15 -24.35
N ALA B 99 -6.12 -7.09 -23.89
CA ALA B 99 -7.09 -8.09 -24.27
C ALA B 99 -7.77 -7.77 -25.59
N LEU B 100 -7.94 -6.49 -25.91
CA LEU B 100 -8.55 -6.06 -27.15
C LEU B 100 -7.53 -5.77 -28.24
N HIS B 101 -6.24 -5.99 -27.97
CA HIS B 101 -5.17 -5.78 -28.94
C HIS B 101 -5.15 -4.35 -29.47
N THR B 102 -5.29 -3.40 -28.56
CA THR B 102 -5.23 -1.98 -28.88
C THR B 102 -4.09 -1.35 -28.11
N SER B 103 -3.22 -0.64 -28.82
CA SER B 103 -2.01 -0.10 -28.22
C SER B 103 -2.32 1.04 -27.27
N PHE B 104 -1.59 1.11 -26.16
CA PHE B 104 -1.73 2.15 -25.17
C PHE B 104 -0.37 2.82 -24.98
N VAL B 105 -0.23 4.03 -25.50
CA VAL B 105 0.99 4.81 -25.34
C VAL B 105 0.84 5.69 -24.12
N THR B 106 1.74 5.51 -23.14
CA THR B 106 1.59 6.21 -21.88
C THR B 106 2.90 6.85 -21.41
N PRO B 107 2.87 8.09 -20.92
CA PRO B 107 4.03 8.68 -20.26
C PRO B 107 4.08 8.47 -18.75
N SER B 108 3.20 7.63 -18.20
CA SER B 108 3.16 7.37 -16.78
C SER B 108 4.20 6.31 -16.40
N PHE B 109 4.16 5.86 -15.16
CA PHE B 109 5.18 4.95 -14.67
C PHE B 109 5.13 3.62 -15.44
N PRO B 110 6.28 3.03 -15.74
CA PRO B 110 6.27 1.73 -16.41
C PRO B 110 5.70 0.64 -15.52
N THR B 111 5.04 -0.33 -16.14
CA THR B 111 4.45 -1.43 -15.40
C THR B 111 5.53 -2.38 -14.90
N ASP B 112 5.36 -2.86 -13.66
CA ASP B 112 6.33 -3.81 -13.10
C ASP B 112 6.34 -5.12 -13.86
N ALA B 113 5.17 -5.64 -14.20
CA ALA B 113 5.07 -6.90 -14.92
C ALA B 113 5.26 -6.68 -16.41
N ASP B 114 5.56 -7.78 -17.11
CA ASP B 114 5.73 -7.75 -18.56
C ASP B 114 4.35 -7.84 -19.20
N VAL B 115 3.92 -6.77 -19.87
CA VAL B 115 2.61 -6.71 -20.50
C VAL B 115 2.78 -6.31 -21.96
N GLN B 116 1.76 -6.64 -22.75
CA GLN B 116 1.76 -6.37 -24.18
C GLN B 116 0.83 -5.20 -24.49
N PHE B 117 1.05 -4.63 -25.68
CA PHE B 117 0.22 -3.53 -26.20
C PHE B 117 0.27 -2.30 -25.30
N VAL B 118 1.35 -2.15 -24.53
CA VAL B 118 1.58 -0.96 -23.71
C VAL B 118 2.96 -0.42 -24.06
N ILE B 119 3.00 0.78 -24.62
CA ILE B 119 4.24 1.46 -24.97
C ILE B 119 4.47 2.54 -23.92
N GLN B 120 5.46 2.32 -23.06
CA GLN B 120 5.70 3.18 -21.91
C GLN B 120 6.83 4.15 -22.24
N MET B 121 6.52 5.45 -22.20
CA MET B 121 7.46 6.49 -22.59
C MET B 121 8.41 6.89 -21.48
N ARG B 122 8.16 6.47 -20.23
CA ARG B 122 8.99 6.86 -19.12
C ARG B 122 10.09 5.82 -18.90
N PRO B 123 11.36 6.18 -19.04
CA PRO B 123 12.43 5.21 -18.80
C PRO B 123 12.52 4.82 -17.33
N ALA B 124 12.96 3.59 -17.08
CA ALA B 124 13.11 3.10 -15.72
C ALA B 124 14.31 3.76 -15.04
N LEU B 125 14.18 3.97 -13.73
CA LEU B 125 15.20 4.64 -12.94
C LEU B 125 16.06 3.69 -12.13
N LYS B 126 15.72 2.39 -12.10
CA LYS B 126 16.43 1.46 -11.22
C LYS B 126 17.91 1.35 -11.59
N GLY B 127 18.21 1.27 -12.89
CA GLY B 127 19.60 1.12 -13.31
C GLY B 127 20.44 2.34 -12.95
N ALA B 128 19.91 3.53 -13.21
CA ALA B 128 20.65 4.75 -12.88
C ALA B 128 20.85 4.88 -11.38
N ILE B 129 19.83 4.55 -10.60
CA ILE B 129 19.94 4.63 -9.15
C ILE B 129 21.01 3.67 -8.65
N LEU B 130 21.01 2.43 -9.15
CA LEU B 130 22.01 1.45 -8.72
C LEU B 130 23.42 1.89 -9.11
N SER B 131 23.58 2.42 -10.33
CA SER B 131 24.89 2.87 -10.77
C SER B 131 25.38 4.04 -9.93
N LEU B 132 24.49 4.97 -9.59
CA LEU B 132 24.90 6.10 -8.77
C LEU B 132 25.23 5.66 -7.35
N LEU B 133 24.50 4.67 -6.82
CA LEU B 133 24.83 4.12 -5.51
C LEU B 133 26.21 3.48 -5.53
N SER B 134 26.52 2.73 -6.58
CA SER B 134 27.84 2.13 -6.69
C SER B 134 28.93 3.18 -6.84
N TYR B 135 28.65 4.24 -7.62
CA TYR B 135 29.65 5.28 -7.83
C TYR B 135 29.94 6.06 -6.57
N TYR B 136 28.90 6.41 -5.80
CA TYR B 136 29.08 7.18 -4.58
C TYR B 136 29.49 6.33 -3.39
N LYS B 137 29.54 5.00 -3.56
CA LYS B 137 29.94 4.08 -2.49
C LYS B 137 29.02 4.19 -1.28
N TRP B 138 27.71 4.06 -1.54
CA TRP B 138 26.72 4.09 -0.46
C TRP B 138 26.58 2.68 0.10
N GLU B 139 27.36 2.39 1.14
CA GLU B 139 27.28 1.11 1.82
C GLU B 139 26.22 1.08 2.91
N LYS B 140 25.65 2.22 3.26
CA LYS B 140 24.68 2.31 4.35
C LYS B 140 23.84 3.56 4.13
N PHE B 141 22.54 3.39 3.98
CA PHE B 141 21.67 4.53 3.70
C PHE B 141 20.24 4.21 4.12
N VAL B 142 19.40 5.25 4.07
CA VAL B 142 17.99 5.15 4.46
C VAL B 142 17.14 5.31 3.21
N TYR B 143 16.36 4.29 2.89
CA TYR B 143 15.53 4.27 1.69
C TYR B 143 14.08 4.52 2.07
N LEU B 144 13.56 5.69 1.72
CA LEU B 144 12.17 6.05 1.97
C LEU B 144 11.40 5.88 0.66
N TYR B 145 10.54 4.87 0.61
CA TYR B 145 9.83 4.53 -0.62
C TYR B 145 8.34 4.80 -0.46
N ASP B 146 7.65 4.83 -1.60
CA ASP B 146 6.26 5.29 -1.66
C ASP B 146 5.35 4.31 -2.38
N THR B 147 5.90 3.57 -3.35
CA THR B 147 5.15 2.55 -4.10
C THR B 147 3.89 3.10 -4.75
N GLU B 148 4.00 4.29 -5.36
CA GLU B 148 2.95 4.81 -6.22
C GLU B 148 3.35 4.82 -7.69
N ARG B 149 4.57 4.38 -8.00
CA ARG B 149 5.02 4.23 -9.39
C ARG B 149 5.47 2.80 -9.68
N GLY B 150 5.11 1.86 -8.82
CA GLY B 150 5.46 0.46 -8.97
C GLY B 150 6.29 -0.03 -7.79
N PHE B 151 6.75 -1.27 -7.92
CA PHE B 151 7.60 -1.90 -6.92
C PHE B 151 8.95 -2.34 -7.47
N SER B 152 9.26 -1.99 -8.72
CA SER B 152 10.50 -2.45 -9.33
C SER B 152 11.72 -1.85 -8.64
N VAL B 153 11.68 -0.56 -8.32
CA VAL B 153 12.83 0.08 -7.69
C VAL B 153 13.07 -0.49 -6.30
N LEU B 154 12.00 -0.72 -5.54
CA LEU B 154 12.15 -1.25 -4.19
C LEU B 154 12.78 -2.63 -4.21
N GLN B 155 12.30 -3.51 -5.08
CA GLN B 155 12.85 -4.87 -5.14
C GLN B 155 14.27 -4.85 -5.69
N ALA B 156 14.57 -3.95 -6.63
CA ALA B 156 15.93 -3.82 -7.12
C ALA B 156 16.88 -3.39 -6.02
N ILE B 157 16.45 -2.42 -5.20
CA ILE B 157 17.27 -1.97 -4.08
C ILE B 157 17.46 -3.10 -3.08
N MET B 158 16.41 -3.86 -2.80
CA MET B 158 16.54 -4.98 -1.85
C MET B 158 17.50 -6.04 -2.36
N GLU B 159 17.39 -6.41 -3.64
CA GLU B 159 18.29 -7.41 -4.19
C GLU B 159 19.73 -6.91 -4.21
N ALA B 160 19.93 -5.64 -4.57
CA ALA B 160 21.28 -5.08 -4.56
C ALA B 160 21.86 -5.06 -3.15
N ALA B 161 21.03 -4.73 -2.15
CA ALA B 161 21.49 -4.71 -0.77
C ALA B 161 21.86 -6.10 -0.29
N VAL B 162 21.06 -7.11 -0.65
CA VAL B 162 21.37 -8.48 -0.25
C VAL B 162 22.65 -8.95 -0.92
N GLN B 163 22.82 -8.65 -2.21
CA GLN B 163 23.98 -9.16 -2.95
C GLN B 163 25.25 -8.44 -2.54
N ASN B 164 25.18 -7.13 -2.33
CA ASN B 164 26.36 -6.31 -2.05
C ASN B 164 26.62 -6.11 -0.56
N ASN B 165 25.78 -6.68 0.31
CA ASN B 165 25.91 -6.54 1.76
C ASN B 165 25.88 -5.06 2.18
N TRP B 166 24.76 -4.41 1.88
CA TRP B 166 24.52 -3.04 2.28
C TRP B 166 23.71 -2.99 3.56
N GLN B 167 23.63 -1.79 4.15
CA GLN B 167 22.80 -1.54 5.32
C GLN B 167 21.75 -0.50 4.90
N VAL B 168 20.61 -0.99 4.45
CA VAL B 168 19.53 -0.16 3.96
C VAL B 168 18.42 -0.16 4.99
N THR B 169 18.10 1.02 5.53
CA THR B 169 16.97 1.17 6.44
C THR B 169 15.77 1.61 5.61
N ALA B 170 14.88 0.68 5.31
CA ALA B 170 13.76 0.95 4.42
C ALA B 170 12.52 1.33 5.20
N ARG B 171 11.86 2.40 4.78
CA ARG B 171 10.62 2.85 5.37
C ARG B 171 9.61 3.20 4.29
N SER B 172 8.39 2.72 4.46
CA SER B 172 7.28 3.03 3.55
C SER B 172 6.56 4.27 4.08
N VAL B 173 6.66 5.38 3.34
CA VAL B 173 6.06 6.63 3.74
C VAL B 173 4.84 6.98 2.91
N GLY B 174 4.30 6.00 2.17
CA GLY B 174 3.13 6.26 1.34
C GLY B 174 1.81 6.25 2.09
N ASN B 175 1.80 5.73 3.30
CA ASN B 175 0.59 5.66 4.12
C ASN B 175 0.63 6.64 5.28
N ILE B 176 1.51 7.63 5.23
CA ILE B 176 1.69 8.60 6.31
C ILE B 176 0.95 9.88 5.92
N LYS B 177 0.05 10.32 6.80
CA LYS B 177 -0.68 11.56 6.61
C LYS B 177 -0.35 12.62 7.65
N ASP B 178 0.44 12.30 8.67
CA ASP B 178 0.82 13.24 9.72
C ASP B 178 2.30 13.55 9.56
N VAL B 179 2.63 14.85 9.46
CA VAL B 179 4.01 15.26 9.26
C VAL B 179 4.87 14.91 10.47
N GLN B 180 4.25 14.75 11.64
CA GLN B 180 5.01 14.36 12.82
C GLN B 180 5.61 12.97 12.65
N GLU B 181 4.98 12.11 11.86
CA GLU B 181 5.59 10.82 11.55
C GLU B 181 6.87 10.99 10.75
N PHE B 182 6.87 11.92 9.77
CA PHE B 182 8.09 12.22 9.04
C PHE B 182 9.16 12.78 9.97
N ARG B 183 8.77 13.67 10.88
CA ARG B 183 9.72 14.23 11.83
C ARG B 183 10.34 13.13 12.70
N ARG B 184 9.50 12.21 13.19
CA ARG B 184 10.00 11.13 14.03
C ARG B 184 10.93 10.21 13.24
N ILE B 185 10.59 9.91 11.97
CA ILE B 185 11.45 9.08 11.15
C ILE B 185 12.81 9.73 10.95
N ILE B 186 12.81 11.04 10.65
CA ILE B 186 14.06 11.74 10.41
C ILE B 186 14.90 11.79 11.69
N GLU B 187 14.25 12.06 12.83
CA GLU B 187 14.99 12.09 14.10
C GLU B 187 15.57 10.73 14.42
N GLU B 188 14.81 9.65 14.20
CA GLU B 188 15.30 8.31 14.48
C GLU B 188 16.48 7.98 13.57
N MET B 189 16.42 8.36 12.31
CA MET B 189 17.53 8.11 11.40
C MET B 189 18.77 8.90 11.78
N ASP B 190 18.58 10.15 12.21
CA ASP B 190 19.71 10.98 12.61
C ASP B 190 20.34 10.46 13.91
N ARG B 191 19.53 9.91 14.80
CA ARG B 191 20.06 9.38 16.06
C ARG B 191 21.03 8.23 15.81
N ARG B 192 20.71 7.35 14.86
CA ARG B 192 21.56 6.22 14.53
C ARG B 192 22.66 6.58 13.53
N GLN B 193 22.94 7.86 13.35
CA GLN B 193 24.02 8.34 12.47
C GLN B 193 23.83 7.86 11.04
N GLU B 194 22.75 8.32 10.42
CA GLU B 194 22.48 8.06 9.01
C GLU B 194 22.64 9.37 8.24
N LYS B 195 23.57 9.38 7.29
CA LYS B 195 23.89 10.57 6.53
C LYS B 195 23.23 10.61 5.16
N ARG B 196 22.99 9.45 4.55
CA ARG B 196 22.58 9.36 3.16
C ARG B 196 21.15 8.84 3.06
N TYR B 197 20.31 9.57 2.35
CA TYR B 197 18.90 9.24 2.16
C TYR B 197 18.61 9.06 0.68
N LEU B 198 17.91 7.99 0.34
CA LEU B 198 17.37 7.76 -1.00
C LEU B 198 15.86 7.85 -0.89
N ILE B 199 15.29 8.94 -1.40
CA ILE B 199 13.87 9.21 -1.29
C ILE B 199 13.24 8.93 -2.65
N ASP B 200 12.53 7.81 -2.76
CA ASP B 200 11.82 7.45 -3.99
C ASP B 200 10.33 7.61 -3.69
N CYS B 201 9.84 8.85 -3.87
CA CYS B 201 8.46 9.19 -3.55
C CYS B 201 7.95 10.16 -4.61
N GLU B 202 6.69 10.55 -4.45
CA GLU B 202 6.09 11.53 -5.34
C GLU B 202 6.64 12.93 -5.05
N VAL B 203 6.35 13.85 -5.97
CA VAL B 203 6.89 15.20 -5.85
C VAL B 203 6.36 15.89 -4.59
N GLU B 204 5.06 15.76 -4.33
CA GLU B 204 4.50 16.38 -3.13
C GLU B 204 5.05 15.74 -1.85
N ARG B 205 5.18 14.42 -1.84
CA ARG B 205 5.76 13.76 -0.67
C ARG B 205 7.23 14.11 -0.49
N ILE B 206 7.97 14.22 -1.59
CA ILE B 206 9.37 14.63 -1.50
C ILE B 206 9.46 16.05 -0.95
N ASN B 207 8.57 16.94 -1.40
CA ASN B 207 8.56 18.30 -0.88
C ASN B 207 8.26 18.33 0.61
N THR B 208 7.29 17.53 1.05
CA THR B 208 6.97 17.46 2.47
C THR B 208 8.15 16.96 3.29
N ILE B 209 8.80 15.90 2.81
CA ILE B 209 9.96 15.36 3.52
C ILE B 209 11.09 16.39 3.58
N LEU B 210 11.31 17.10 2.48
CA LEU B 210 12.39 18.08 2.44
C LEU B 210 12.10 19.27 3.34
N GLU B 211 10.85 19.70 3.42
CA GLU B 211 10.54 20.81 4.33
C GLU B 211 10.64 20.36 5.79
N GLN B 212 10.31 19.09 6.07
CA GLN B 212 10.54 18.57 7.41
C GLN B 212 12.04 18.52 7.74
N VAL B 213 12.86 18.16 6.75
CA VAL B 213 14.30 18.18 6.94
C VAL B 213 14.80 19.60 7.23
N VAL B 214 14.28 20.58 6.48
CA VAL B 214 14.67 21.97 6.69
C VAL B 214 14.27 22.43 8.10
N ILE B 215 13.06 22.08 8.52
CA ILE B 215 12.60 22.46 9.85
C ILE B 215 13.48 21.82 10.92
N LEU B 216 13.81 20.54 10.75
CA LEU B 216 14.65 19.84 11.71
C LEU B 216 16.12 20.23 11.61
N GLY B 217 16.50 21.01 10.59
CA GLY B 217 17.87 21.46 10.47
C GLY B 217 18.85 20.40 10.01
N LYS B 218 18.36 19.37 9.32
CA LYS B 218 19.22 18.31 8.80
C LYS B 218 19.73 18.60 7.40
N HIS B 219 19.44 19.78 6.85
CA HIS B 219 19.86 20.17 5.52
C HIS B 219 21.25 20.79 5.49
N SER B 220 22.06 20.57 6.52
CA SER B 220 23.39 21.15 6.61
C SER B 220 24.39 20.31 5.82
N ARG B 221 25.66 20.71 5.87
CA ARG B 221 26.70 19.99 5.17
C ARG B 221 26.92 18.61 5.79
N GLY B 222 27.33 17.67 4.96
CA GLY B 222 27.54 16.30 5.37
C GLY B 222 26.38 15.38 5.10
N TYR B 223 25.21 15.93 4.80
CA TYR B 223 24.03 15.13 4.47
C TYR B 223 23.84 15.06 2.97
N HIS B 224 23.61 13.86 2.45
CA HIS B 224 23.39 13.63 1.04
C HIS B 224 21.98 13.10 0.83
N TYR B 225 21.23 13.72 -0.07
CA TYR B 225 19.86 13.32 -0.37
C TYR B 225 19.76 13.01 -1.85
N MET B 226 19.46 11.76 -2.18
CA MET B 226 19.26 11.33 -3.56
C MET B 226 17.76 11.23 -3.82
N LEU B 227 17.26 12.03 -4.74
CA LEU B 227 15.84 12.09 -5.06
C LEU B 227 15.60 11.20 -6.27
N ALA B 228 14.97 10.05 -6.03
CA ALA B 228 14.72 9.06 -7.08
C ALA B 228 13.39 9.37 -7.78
N ASN B 229 13.40 10.51 -8.48
CA ASN B 229 12.23 10.95 -9.22
C ASN B 229 12.70 11.86 -10.36
N LEU B 230 12.12 11.66 -11.55
CA LEU B 230 12.46 12.50 -12.68
C LEU B 230 11.63 13.78 -12.65
N GLY B 231 11.59 14.43 -11.50
CA GLY B 231 10.84 15.66 -11.33
C GLY B 231 11.67 16.73 -10.66
N PHE B 232 12.96 16.77 -11.02
CA PHE B 232 13.92 17.62 -10.31
C PHE B 232 13.49 19.08 -10.32
N THR B 233 12.90 19.54 -11.43
CA THR B 233 12.47 20.93 -11.53
C THR B 233 11.21 21.22 -10.73
N ASP B 234 10.43 20.20 -10.39
CA ASP B 234 9.19 20.36 -9.65
C ASP B 234 9.38 20.25 -8.14
N ILE B 235 10.59 19.95 -7.68
CA ILE B 235 10.86 19.77 -6.25
C ILE B 235 11.34 21.10 -5.68
N LEU B 236 10.65 21.57 -4.64
CA LEU B 236 11.03 22.81 -3.96
C LEU B 236 12.18 22.51 -3.01
N LEU B 237 13.39 22.92 -3.38
CA LEU B 237 14.59 22.59 -2.61
C LEU B 237 15.55 23.77 -2.53
N GLU B 238 15.03 25.00 -2.63
CA GLU B 238 15.87 26.18 -2.45
C GLU B 238 16.53 26.18 -1.08
N ARG B 239 15.73 26.03 -0.03
CA ARG B 239 16.25 26.06 1.33
C ARG B 239 17.20 24.90 1.60
N VAL B 240 16.93 23.74 0.99
CA VAL B 240 17.77 22.57 1.24
C VAL B 240 19.19 22.80 0.75
N MET B 241 19.33 23.36 -0.46
CA MET B 241 20.67 23.62 -0.98
C MET B 241 21.28 24.86 -0.36
N HIS B 242 20.46 25.80 0.14
CA HIS B 242 21.01 26.90 0.91
C HIS B 242 21.64 26.43 2.23
N GLY B 243 21.28 25.24 2.71
CA GLY B 243 21.88 24.71 3.92
C GLY B 243 23.23 24.07 3.71
N GLY B 244 23.60 23.75 2.48
CA GLY B 244 24.89 23.17 2.18
C GLY B 244 24.89 21.67 1.96
N ALA B 245 23.73 21.02 1.99
CA ALA B 245 23.67 19.59 1.76
C ALA B 245 23.79 19.27 0.28
N ASN B 246 24.12 18.01 -0.01
CA ASN B 246 24.23 17.53 -1.37
C ASN B 246 22.91 16.94 -1.83
N ILE B 247 22.50 17.28 -3.05
CA ILE B 247 21.24 16.83 -3.63
C ILE B 247 21.55 16.24 -5.00
N THR B 248 21.31 14.94 -5.16
CA THR B 248 21.50 14.26 -6.43
C THR B 248 20.15 14.05 -7.09
N GLY B 249 20.01 14.52 -8.33
CA GLY B 249 18.75 14.42 -9.04
C GLY B 249 18.92 13.82 -10.41
N PHE B 250 17.81 13.39 -10.98
CA PHE B 250 17.80 12.77 -12.30
C PHE B 250 16.83 13.51 -13.21
N GLN B 251 17.21 13.62 -14.48
CA GLN B 251 16.37 14.27 -15.48
C GLN B 251 16.49 13.51 -16.79
N ILE B 252 15.49 13.70 -17.65
CA ILE B 252 15.52 13.15 -19.00
C ILE B 252 15.42 14.23 -20.07
N VAL B 253 15.08 15.47 -19.70
CA VAL B 253 14.98 16.57 -20.65
C VAL B 253 16.22 17.45 -20.48
N ASN B 254 16.95 17.64 -21.57
CA ASN B 254 18.17 18.45 -21.57
C ASN B 254 17.87 19.77 -22.27
N ASN B 255 18.03 20.88 -21.54
CA ASN B 255 17.70 22.19 -22.09
C ASN B 255 18.65 22.60 -23.22
N GLU B 256 19.81 21.97 -23.33
CA GLU B 256 20.73 22.28 -24.41
C GLU B 256 20.37 21.58 -25.72
N ASN B 257 19.39 20.70 -25.71
CA ASN B 257 18.92 20.05 -26.93
C ASN B 257 18.23 21.09 -27.81
N PRO B 258 18.65 21.24 -29.07
CA PRO B 258 18.00 22.26 -29.92
C PRO B 258 16.50 22.05 -30.10
N MET B 259 16.05 20.79 -30.16
CA MET B 259 14.63 20.54 -30.29
C MET B 259 13.87 21.02 -29.05
N VAL B 260 14.44 20.80 -27.87
CA VAL B 260 13.82 21.29 -26.63
C VAL B 260 13.74 22.81 -26.65
N GLN B 261 14.81 23.47 -27.11
CA GLN B 261 14.82 24.93 -27.16
C GLN B 261 13.76 25.45 -28.13
N GLN B 262 13.63 24.82 -29.30
CA GLN B 262 12.61 25.24 -30.25
C GLN B 262 11.21 25.03 -29.69
N PHE B 263 10.99 23.89 -29.03
CA PHE B 263 9.69 23.63 -28.43
C PHE B 263 9.36 24.65 -27.36
N ILE B 264 10.34 25.02 -26.53
CA ILE B 264 10.10 26.00 -25.47
C ILE B 264 9.83 27.38 -26.06
N GLN B 265 10.58 27.77 -27.09
CA GLN B 265 10.37 29.11 -27.64
C GLN B 265 9.03 29.22 -28.35
N ARG B 266 8.56 28.12 -28.95
CA ARG B 266 7.20 28.13 -29.49
C ARG B 266 6.14 27.98 -28.40
N TRP B 267 6.49 27.33 -27.29
CA TRP B 267 5.55 27.04 -26.21
C TRP B 267 5.25 28.25 -25.36
N VAL B 268 6.25 29.11 -25.15
CA VAL B 268 6.06 30.30 -24.31
C VAL B 268 5.27 31.39 -25.00
N ARG B 269 4.90 31.21 -26.26
CA ARG B 269 4.15 32.20 -27.02
C ARG B 269 2.80 31.64 -27.46
N LEU B 270 2.16 30.88 -26.57
CA LEU B 270 0.86 30.26 -26.85
C LEU B 270 -0.21 30.94 -26.01
N ASP B 271 -1.35 31.22 -26.63
CA ASP B 271 -2.46 31.86 -25.93
C ASP B 271 -2.92 31.00 -24.76
N GLU B 272 -2.92 31.59 -23.56
CA GLU B 272 -3.25 30.84 -22.36
C GLU B 272 -4.72 30.43 -22.34
N ARG B 273 -5.59 31.15 -23.04
CA ARG B 273 -6.97 30.73 -23.19
C ARG B 273 -7.06 29.36 -23.85
N GLU B 274 -6.39 29.20 -24.99
CA GLU B 274 -6.42 27.94 -25.72
C GLU B 274 -5.52 26.89 -25.09
N PHE B 275 -4.38 27.29 -24.53
CA PHE B 275 -3.39 26.36 -23.99
C PHE B 275 -3.08 26.74 -22.56
N PRO B 276 -3.88 26.28 -21.61
CA PRO B 276 -3.62 26.57 -20.19
C PRO B 276 -2.34 25.89 -19.72
N GLU B 277 -1.77 26.47 -18.66
CA GLU B 277 -0.55 26.03 -17.98
C GLU B 277 0.70 26.26 -18.82
N ALA B 278 0.59 26.76 -20.04
CA ALA B 278 1.74 27.14 -20.83
C ALA B 278 2.16 28.57 -20.48
N LYS B 279 3.45 28.85 -20.69
CA LYS B 279 4.08 30.15 -20.42
C LYS B 279 3.72 30.70 -19.04
N ASN B 280 3.37 29.80 -18.11
CA ASN B 280 3.08 30.17 -16.73
C ASN B 280 3.86 29.34 -15.72
N ALA B 281 4.09 28.07 -16.02
CA ALA B 281 4.77 27.14 -15.13
C ALA B 281 5.88 26.44 -15.89
N PRO B 282 6.91 25.95 -15.19
CA PRO B 282 7.99 25.24 -15.88
C PRO B 282 7.48 23.99 -16.58
N LEU B 283 8.09 23.67 -17.70
CA LEU B 283 7.66 22.55 -18.53
C LEU B 283 7.92 21.24 -17.79
N LYS B 284 6.85 20.57 -17.39
CA LYS B 284 6.98 19.28 -16.72
C LYS B 284 7.52 18.24 -17.70
N TYR B 285 8.31 17.30 -17.17
CA TYR B 285 8.87 16.24 -18.03
C TYR B 285 7.78 15.36 -18.62
N THR B 286 6.62 15.27 -17.98
CA THR B 286 5.52 14.51 -18.55
C THR B 286 4.98 15.17 -19.81
N SER B 287 5.02 16.51 -19.89
CA SER B 287 4.66 17.18 -21.13
C SER B 287 5.65 16.87 -22.24
N ALA B 288 6.93 16.81 -21.91
CA ALA B 288 7.95 16.41 -22.88
C ALA B 288 7.70 14.98 -23.36
N LEU B 289 7.36 14.09 -22.43
CA LEU B 289 7.05 12.71 -22.80
C LEU B 289 5.80 12.65 -23.67
N THR B 290 4.82 13.53 -23.43
CA THR B 290 3.64 13.59 -24.29
C THR B 290 4.00 14.02 -25.71
N HIS B 291 4.84 15.05 -25.84
CA HIS B 291 5.27 15.49 -27.15
C HIS B 291 6.04 14.38 -27.87
N ASP B 292 6.94 13.71 -27.15
CA ASP B 292 7.70 12.61 -27.75
C ASP B 292 6.79 11.44 -28.10
N ALA B 293 5.73 11.21 -27.32
CA ALA B 293 4.78 10.16 -27.66
C ALA B 293 4.01 10.49 -28.93
N ILE B 294 3.65 11.76 -29.11
CA ILE B 294 3.03 12.17 -30.36
C ILE B 294 3.98 11.95 -31.52
N LEU B 295 5.27 12.29 -31.34
CA LEU B 295 6.26 12.03 -32.37
C LEU B 295 6.35 10.54 -32.68
N VAL B 296 6.33 9.70 -31.65
CA VAL B 296 6.43 8.26 -31.82
C VAL B 296 5.22 7.73 -32.59
N ILE B 297 4.03 8.19 -32.24
CA ILE B 297 2.83 7.74 -32.94
C ILE B 297 2.87 8.14 -34.39
N ALA B 298 3.26 9.39 -34.66
CA ALA B 298 3.35 9.85 -36.05
C ALA B 298 4.35 9.04 -36.85
N GLU B 299 5.53 8.78 -36.27
CA GLU B 299 6.55 8.02 -36.99
C GLU B 299 6.11 6.59 -37.22
N ALA B 300 5.49 5.96 -36.22
CA ALA B 300 5.03 4.58 -36.38
C ALA B 300 3.97 4.46 -37.47
N PHE B 301 3.01 5.40 -37.50
CA PHE B 301 2.00 5.32 -38.53
C PHE B 301 2.53 5.71 -39.90
N ARG B 302 3.53 6.59 -39.96
CA ARG B 302 4.19 6.86 -41.23
C ARG B 302 4.91 5.61 -41.74
N TYR B 303 5.55 4.87 -40.84
CA TYR B 303 6.16 3.59 -41.22
C TYR B 303 5.10 2.61 -41.72
N LEU B 304 3.95 2.56 -41.04
CA LEU B 304 2.88 1.66 -41.47
C LEU B 304 2.40 2.02 -42.86
N ARG B 305 2.23 3.32 -43.13
CA ARG B 305 1.80 3.74 -44.47
C ARG B 305 2.86 3.43 -45.52
N ARG B 306 4.14 3.68 -45.19
CA ARG B 306 5.21 3.47 -46.16
C ARG B 306 5.36 1.99 -46.50
N GLN B 307 5.20 1.12 -45.52
CA GLN B 307 5.31 -0.32 -45.74
C GLN B 307 4.03 -0.91 -46.34
N ARG B 308 3.00 -0.10 -46.54
N ARG B 308 3.00 -0.10 -46.54
CA ARG B 308 1.72 -0.55 -47.10
CA ARG B 308 1.72 -0.55 -47.10
C ARG B 308 1.09 -1.66 -46.26
C ARG B 308 1.09 -1.65 -46.26
N VAL B 309 1.25 -1.59 -44.95
CA VAL B 309 0.65 -2.57 -44.05
C VAL B 309 -0.83 -2.22 -43.87
N ASP B 310 -1.68 -3.22 -44.03
CA ASP B 310 -3.13 -2.98 -43.96
C ASP B 310 -3.52 -2.46 -42.59
N VAL B 311 -4.29 -1.36 -42.58
CA VAL B 311 -4.81 -0.75 -41.37
C VAL B 311 -6.27 -0.42 -41.59
N SER B 312 -7.11 -0.78 -40.61
CA SER B 312 -8.55 -0.54 -40.71
C SER B 312 -8.86 0.95 -40.82
N ALA B 317 -16.11 -2.11 -34.93
CA ALA B 317 -15.36 -2.19 -33.68
C ALA B 317 -16.15 -2.96 -32.62
N GLY B 318 -17.33 -2.45 -32.28
CA GLY B 318 -18.17 -3.10 -31.30
C GLY B 318 -17.79 -2.75 -29.88
N ASP B 319 -18.51 -3.37 -28.94
CA ASP B 319 -18.29 -3.13 -27.53
C ASP B 319 -17.05 -3.89 -27.05
N CYS B 320 -16.50 -3.42 -25.92
CA CYS B 320 -15.33 -4.07 -25.33
C CYS B 320 -15.68 -5.49 -24.88
N LEU B 321 -16.82 -5.65 -24.22
CA LEU B 321 -17.17 -6.89 -23.53
C LEU B 321 -18.17 -7.65 -24.40
N ALA B 322 -17.65 -8.53 -25.26
CA ALA B 322 -18.46 -9.34 -26.16
C ALA B 322 -17.86 -10.75 -26.19
N ASN B 323 -18.39 -11.64 -25.36
CA ASN B 323 -17.86 -12.98 -25.24
C ASN B 323 -18.25 -13.82 -26.45
N PRO B 324 -17.30 -14.49 -27.11
CA PRO B 324 -15.86 -14.51 -26.83
C PRO B 324 -15.17 -13.29 -27.42
N ALA B 325 -14.13 -12.77 -26.76
CA ALA B 325 -13.49 -11.54 -27.20
C ALA B 325 -12.84 -11.74 -28.56
N VAL B 326 -12.99 -10.74 -29.43
CA VAL B 326 -12.44 -10.77 -30.78
C VAL B 326 -11.22 -9.85 -30.80
N PRO B 327 -10.00 -10.39 -30.85
CA PRO B 327 -8.82 -9.52 -30.91
C PRO B 327 -8.70 -8.84 -32.27
N TRP B 328 -8.22 -7.61 -32.24
CA TRP B 328 -8.03 -6.85 -33.48
C TRP B 328 -6.93 -7.48 -34.32
N SER B 329 -7.24 -7.74 -35.59
CA SER B 329 -6.24 -8.33 -36.48
C SER B 329 -5.09 -7.36 -36.75
N GLN B 330 -5.39 -6.08 -36.91
CA GLN B 330 -4.37 -5.08 -37.20
C GLN B 330 -3.66 -4.57 -35.95
N GLY B 331 -4.12 -4.97 -34.76
CA GLY B 331 -3.48 -4.50 -33.54
C GLY B 331 -2.05 -4.96 -33.40
N ILE B 332 -1.78 -6.20 -33.83
CA ILE B 332 -0.42 -6.74 -33.73
C ILE B 332 0.53 -5.93 -34.58
N ASP B 333 0.12 -5.61 -35.82
CA ASP B 333 0.97 -4.83 -36.71
C ASP B 333 1.22 -3.43 -36.15
N ILE B 334 0.17 -2.81 -35.60
CA ILE B 334 0.30 -1.46 -35.05
C ILE B 334 1.26 -1.47 -33.86
N GLU B 335 1.12 -2.47 -32.98
CA GLU B 335 2.02 -2.57 -31.83
C GLU B 335 3.46 -2.80 -32.28
N ARG B 336 3.65 -3.68 -33.26
CA ARG B 336 4.99 -3.96 -33.76
C ARG B 336 5.62 -2.71 -34.37
N ALA B 337 4.85 -1.96 -35.15
CA ALA B 337 5.36 -0.72 -35.73
C ALA B 337 5.69 0.31 -34.66
N LEU B 338 4.85 0.40 -33.62
CA LEU B 338 5.11 1.34 -32.53
C LEU B 338 6.31 0.95 -31.69
N LYS B 339 6.66 -0.34 -31.64
CA LYS B 339 7.75 -0.81 -30.80
C LYS B 339 9.07 -0.99 -31.54
N MET B 340 9.12 -0.67 -32.84
CA MET B 340 10.38 -0.62 -33.56
C MET B 340 10.83 0.80 -33.86
N VAL B 341 10.11 1.81 -33.37
CA VAL B 341 10.45 3.19 -33.70
C VAL B 341 11.73 3.61 -32.98
N GLN B 342 12.54 4.41 -33.67
CA GLN B 342 13.75 5.00 -33.10
C GLN B 342 13.77 6.47 -33.51
N VAL B 343 13.43 7.37 -32.59
CA VAL B 343 13.30 8.78 -32.93
C VAL B 343 14.06 9.63 -31.92
N GLN B 344 14.46 10.81 -32.37
CA GLN B 344 15.15 11.77 -31.52
C GLN B 344 14.13 12.79 -31.02
N GLY B 345 13.65 12.58 -29.80
CA GLY B 345 12.68 13.45 -29.18
C GLY B 345 13.32 14.38 -28.15
N MET B 346 12.44 15.12 -27.46
CA MET B 346 12.92 16.08 -26.48
C MET B 346 13.61 15.40 -25.31
N THR B 347 13.27 14.14 -25.05
CA THR B 347 13.91 13.36 -24.01
C THR B 347 15.11 12.57 -24.52
N GLY B 348 15.47 12.72 -25.79
CA GLY B 348 16.64 12.05 -26.33
C GLY B 348 16.32 10.92 -27.29
N ASN B 349 17.11 9.85 -27.25
CA ASN B 349 16.86 8.70 -28.10
C ASN B 349 15.64 7.94 -27.61
N ILE B 350 14.80 7.52 -28.55
CA ILE B 350 13.56 6.81 -28.24
C ILE B 350 13.57 5.51 -29.01
N GLN B 351 13.66 4.40 -28.28
CA GLN B 351 13.52 3.05 -28.81
C GLN B 351 12.79 2.21 -27.77
N PHE B 352 12.15 1.14 -28.23
CA PHE B 352 11.36 0.29 -27.35
C PHE B 352 11.74 -1.16 -27.57
N ASP B 353 11.65 -1.94 -26.50
CA ASP B 353 11.93 -3.37 -26.54
C ASP B 353 10.64 -4.15 -26.77
N THR B 354 10.70 -5.48 -26.63
CA THR B 354 9.55 -6.30 -26.94
C THR B 354 8.40 -6.08 -25.97
N TYR B 355 8.67 -5.54 -24.78
CA TYR B 355 7.65 -5.32 -23.77
C TYR B 355 7.22 -3.86 -23.67
N GLY B 356 7.69 -3.00 -24.58
CA GLY B 356 7.28 -1.61 -24.62
C GLY B 356 8.13 -0.67 -23.81
N ARG B 357 8.96 -1.18 -22.91
CA ARG B 357 9.82 -0.32 -22.11
C ARG B 357 10.91 0.31 -22.97
N ARG B 358 11.27 1.53 -22.62
CA ARG B 358 12.29 2.26 -23.38
C ARG B 358 13.66 1.65 -23.16
N THR B 359 14.44 1.56 -24.23
CA THR B 359 15.79 1.02 -24.19
C THR B 359 16.75 1.99 -24.88
N ASN B 360 18.02 1.91 -24.51
CA ASN B 360 19.06 2.77 -25.06
C ASN B 360 18.73 4.24 -24.83
N TYR B 361 18.52 4.61 -23.58
CA TYR B 361 18.22 5.96 -23.18
C TYR B 361 19.33 6.52 -22.30
N THR B 362 19.36 7.84 -22.17
CA THR B 362 20.34 8.54 -21.37
C THR B 362 19.65 9.34 -20.29
N ILE B 363 20.13 9.24 -19.06
CA ILE B 363 19.57 9.95 -17.92
C ILE B 363 20.62 10.91 -17.39
N ASP B 364 20.28 12.20 -17.35
CA ASP B 364 21.20 13.20 -16.85
C ASP B 364 21.16 13.25 -15.33
N VAL B 365 22.33 13.19 -14.69
CA VAL B 365 22.45 13.19 -13.25
C VAL B 365 23.03 14.53 -12.82
N TYR B 366 22.31 15.21 -11.92
CA TYR B 366 22.66 16.55 -11.44
C TYR B 366 23.15 16.45 -10.01
N GLU B 367 24.30 17.07 -9.74
CA GLU B 367 24.90 17.04 -8.40
C GLU B 367 24.52 18.24 -7.55
N MET B 368 24.39 19.41 -8.15
CA MET B 368 24.02 20.63 -7.43
C MET B 368 24.95 20.91 -6.25
N SER B 373 22.72 24.46 -9.66
CA SER B 373 22.75 23.06 -10.07
C SER B 373 23.64 22.85 -11.28
N ARG B 374 24.40 21.76 -11.29
CA ARG B 374 25.26 21.41 -12.40
C ARG B 374 25.05 19.94 -12.76
N LYS B 375 25.19 19.64 -14.05
CA LYS B 375 25.04 18.29 -14.54
C LYS B 375 26.25 17.47 -14.12
N ALA B 376 26.07 16.59 -13.13
CA ALA B 376 27.18 15.76 -12.66
C ALA B 376 27.65 14.80 -13.75
N GLY B 377 26.71 14.21 -14.48
CA GLY B 377 27.10 13.27 -15.52
C GLY B 377 25.90 12.70 -16.23
N TYR B 378 26.11 11.58 -16.92
CA TYR B 378 25.02 10.92 -17.62
C TYR B 378 25.12 9.42 -17.46
N TRP B 379 23.96 8.77 -17.39
CA TRP B 379 23.84 7.32 -17.24
C TRP B 379 23.28 6.73 -18.52
N ASN B 380 23.94 5.67 -19.01
CA ASN B 380 23.50 4.89 -20.15
C ASN B 380 23.62 3.42 -19.80
N GLU B 381 22.83 2.59 -20.49
CA GLU B 381 22.83 1.16 -20.18
C GLU B 381 24.17 0.51 -20.47
N TYR B 382 24.80 0.87 -21.59
CA TYR B 382 26.05 0.24 -21.99
C TYR B 382 27.26 0.86 -21.30
N GLU B 383 27.47 2.16 -21.50
CA GLU B 383 28.44 2.90 -20.69
C GLU B 383 27.70 3.38 -19.45
N ARG B 384 27.93 2.71 -18.31
CA ARG B 384 27.04 2.80 -17.17
C ARG B 384 26.87 4.23 -16.67
N PHE B 385 27.92 4.85 -16.15
CA PHE B 385 27.83 6.21 -15.63
C PHE B 385 29.10 6.96 -16.01
N VAL B 386 28.94 8.01 -16.82
CA VAL B 386 30.05 8.85 -17.24
C VAL B 386 29.91 10.18 -16.48
N PRO B 387 30.79 10.47 -15.54
CA PRO B 387 30.71 11.74 -14.79
C PRO B 387 31.45 12.86 -15.52
N PHE B 388 31.21 14.08 -15.05
CA PHE B 388 31.86 15.25 -15.60
C PHE B 388 32.83 15.86 -14.59
N ASN B 402 33.01 16.60 15.18
CA ASN B 402 32.37 15.29 15.06
C ASN B 402 31.01 15.29 15.73
N ARG B 403 30.54 14.11 16.13
CA ARG B 403 29.24 13.99 16.77
C ARG B 403 29.27 14.62 18.16
N THR B 404 28.15 15.27 18.51
CA THR B 404 27.94 15.78 19.86
C THR B 404 27.14 14.73 20.62
N ILE B 405 27.83 13.93 21.43
CA ILE B 405 27.20 12.83 22.14
C ILE B 405 26.32 13.36 23.26
N VAL B 406 25.11 12.82 23.36
CA VAL B 406 24.13 13.24 24.36
C VAL B 406 24.41 12.49 25.65
N VAL B 407 24.64 13.23 26.73
CA VAL B 407 24.85 12.67 28.05
C VAL B 407 23.64 13.02 28.89
N THR B 408 23.01 12.00 29.49
CA THR B 408 21.83 12.20 30.31
C THR B 408 22.20 12.05 31.78
N THR B 409 21.72 12.98 32.60
CA THR B 409 22.00 12.97 34.04
C THR B 409 20.73 13.24 34.83
N ILE B 410 20.88 13.40 36.14
CA ILE B 410 19.76 13.72 37.02
C ILE B 410 20.22 14.77 38.02
N LEU B 411 19.35 15.74 38.30
CA LEU B 411 19.68 16.83 39.22
C LEU B 411 19.63 16.30 40.64
N GLU B 412 20.81 16.04 41.21
CA GLU B 412 20.89 15.50 42.57
C GLU B 412 22.24 15.88 43.15
N SER B 413 22.23 16.67 44.22
CA SER B 413 23.47 17.05 44.87
C SER B 413 24.08 15.85 45.60
N PRO B 414 25.41 15.72 45.60
CA PRO B 414 26.41 16.58 44.97
C PRO B 414 26.81 16.10 43.59
N TYR B 415 26.00 15.23 42.97
CA TYR B 415 26.39 14.65 41.69
C TYR B 415 26.21 15.64 40.54
N VAL B 416 25.02 16.20 40.40
CA VAL B 416 24.76 17.23 39.41
C VAL B 416 24.06 18.39 40.10
N MET B 417 24.65 19.58 40.02
CA MET B 417 24.12 20.76 40.70
C MET B 417 24.14 21.94 39.76
N TYR B 418 23.11 22.78 39.85
CA TYR B 418 23.07 24.01 39.07
C TYR B 418 24.18 24.96 39.53
N LYS B 419 24.79 25.64 38.57
CA LYS B 419 25.87 26.58 38.88
C LYS B 419 25.36 28.02 38.83
N ASN B 428 26.65 23.20 28.98
CA ASN B 428 27.33 22.35 29.94
C ASN B 428 27.88 23.17 31.11
N GLU B 429 28.05 24.46 30.89
CA GLU B 429 28.61 25.35 31.92
C GLU B 429 27.64 25.63 33.05
N ARG B 430 26.36 25.28 32.90
CA ARG B 430 25.38 25.58 33.93
C ARG B 430 25.45 24.62 35.10
N TYR B 431 26.17 23.51 34.96
CA TYR B 431 26.15 22.45 35.96
C TYR B 431 27.54 22.23 36.55
N GLU B 432 27.56 21.78 37.80
CA GLU B 432 28.78 21.34 38.46
C GLU B 432 28.42 20.21 39.42
N GLY B 433 29.42 19.42 39.75
CA GLY B 433 29.23 18.32 40.69
C GLY B 433 30.19 17.19 40.38
N TYR B 434 30.01 16.10 41.13
CA TYR B 434 30.84 14.91 40.93
C TYR B 434 30.62 14.30 39.56
N CYS B 435 29.36 14.21 39.13
CA CYS B 435 29.06 13.55 37.87
C CYS B 435 29.45 14.40 36.66
N VAL B 436 29.41 15.72 36.79
CA VAL B 436 29.90 16.58 35.71
C VAL B 436 31.39 16.37 35.48
N ASP B 437 32.15 16.33 36.58
CA ASP B 437 33.59 16.07 36.48
C ASP B 437 33.86 14.67 35.95
N LEU B 438 33.06 13.69 36.38
CA LEU B 438 33.22 12.33 35.87
C LEU B 438 32.97 12.26 34.37
N ALA B 439 31.92 12.95 33.90
CA ALA B 439 31.65 12.99 32.46
C ALA B 439 32.79 13.67 31.72
N TYR B 440 33.32 14.76 32.29
CA TYR B 440 34.43 15.47 31.66
C TYR B 440 35.65 14.54 31.52
N GLU B 441 35.98 13.82 32.59
CA GLU B 441 37.12 12.91 32.55
C GLU B 441 36.90 11.77 31.56
N ILE B 442 35.71 11.18 31.58
CA ILE B 442 35.41 10.08 30.66
C ILE B 442 35.49 10.55 29.22
N ALA B 443 34.96 11.75 28.94
CA ALA B 443 35.04 12.29 27.59
C ALA B 443 36.48 12.54 27.17
N LYS B 444 37.31 13.03 28.10
CA LYS B 444 38.72 13.26 27.75
C LYS B 444 39.43 11.95 27.44
N HIS B 445 39.19 10.91 28.24
CA HIS B 445 39.82 9.62 27.95
C HIS B 445 39.30 9.03 26.64
N VAL B 446 38.00 9.10 26.39
CA VAL B 446 37.46 8.65 25.11
C VAL B 446 37.77 9.59 23.97
N GLY B 447 37.88 10.89 24.24
CA GLY B 447 38.14 11.87 23.20
C GLY B 447 36.89 12.21 22.40
N ILE B 448 35.87 12.71 23.09
CA ILE B 448 34.58 12.99 22.47
C ILE B 448 34.06 14.33 22.96
N LYS B 449 33.08 14.87 22.21
CA LYS B 449 32.40 16.10 22.57
C LYS B 449 30.98 15.77 22.96
N TYR B 450 30.56 16.28 24.12
CA TYR B 450 29.30 15.87 24.72
C TYR B 450 28.50 17.09 25.18
N LYS B 451 27.25 16.84 25.58
CA LYS B 451 26.37 17.88 26.07
C LYS B 451 25.42 17.26 27.10
N LEU B 452 25.51 17.72 28.35
CA LEU B 452 24.68 17.18 29.41
C LEU B 452 23.22 17.60 29.23
N SER B 453 22.32 16.71 29.65
CA SER B 453 20.88 16.98 29.55
C SER B 453 20.17 16.15 30.61
N ILE B 454 19.58 16.82 31.59
CA ILE B 454 18.85 16.16 32.67
C ILE B 454 17.50 15.68 32.15
N VAL B 455 17.11 14.47 32.55
CA VAL B 455 15.83 13.92 32.14
C VAL B 455 14.69 14.82 32.61
N GLY B 456 13.61 14.84 31.83
CA GLY B 456 12.47 15.68 32.17
C GLY B 456 11.77 15.24 33.44
N ASP B 457 11.55 13.93 33.58
CA ASP B 457 10.80 13.43 34.73
C ASP B 457 11.63 13.32 36.01
N GLY B 458 12.96 13.41 35.91
CA GLY B 458 13.80 13.38 37.08
C GLY B 458 13.74 12.09 37.85
N LYS B 459 13.79 10.96 37.16
CA LYS B 459 13.74 9.65 37.77
C LYS B 459 14.85 8.78 37.22
N TYR B 460 15.12 7.69 37.93
CA TYR B 460 16.03 6.66 37.45
C TYR B 460 15.24 5.65 36.63
N GLY B 461 15.85 4.52 36.30
CA GLY B 461 15.18 3.52 35.50
C GLY B 461 14.17 2.74 36.32
N ALA B 462 13.01 2.49 35.70
CA ALA B 462 11.96 1.68 36.31
C ALA B 462 10.94 1.26 35.24
N ARG B 463 10.56 0.00 35.24
CA ARG B 463 9.60 -0.52 34.26
C ARG B 463 8.23 -0.60 34.90
N ASP B 464 7.26 0.06 34.29
CA ASP B 464 5.89 -0.01 34.76
C ASP B 464 5.34 -1.40 34.50
N PRO B 465 4.86 -2.12 35.52
CA PRO B 465 4.33 -3.47 35.28
C PRO B 465 3.12 -3.50 34.37
N GLU B 466 2.42 -2.37 34.21
CA GLU B 466 1.19 -2.32 33.43
C GLU B 466 1.45 -1.96 31.98
N THR B 467 2.26 -0.94 31.72
CA THR B 467 2.53 -0.48 30.37
C THR B 467 3.87 -0.96 29.83
N LYS B 468 4.73 -1.54 30.67
CA LYS B 468 6.03 -2.07 30.26
C LYS B 468 6.93 -0.99 29.64
N ILE B 469 6.82 0.24 30.12
CA ILE B 469 7.58 1.37 29.60
C ILE B 469 8.62 1.78 30.64
N TRP B 470 9.87 1.87 30.21
CA TRP B 470 10.94 2.35 31.08
C TRP B 470 10.92 3.86 31.15
N ASN B 471 11.18 4.39 32.35
CA ASN B 471 11.22 5.83 32.58
C ASN B 471 12.62 6.23 33.05
N GLY B 472 12.89 7.53 32.98
CA GLY B 472 14.16 8.04 33.47
C GLY B 472 15.30 7.82 32.49
N MET B 473 16.50 7.81 33.06
CA MET B 473 17.71 7.70 32.23
C MET B 473 17.78 6.35 31.53
N VAL B 474 17.38 5.28 32.21
CA VAL B 474 17.37 3.97 31.56
C VAL B 474 16.38 3.95 30.41
N GLY B 475 15.23 4.61 30.58
CA GLY B 475 14.29 4.73 29.47
C GLY B 475 14.88 5.51 28.31
N GLU B 476 15.58 6.60 28.60
CA GLU B 476 16.23 7.37 27.55
C GLU B 476 17.24 6.53 26.79
N LEU B 477 18.04 5.74 27.52
CA LEU B 477 19.05 4.91 26.88
C LEU B 477 18.41 3.81 26.04
N VAL B 478 17.37 3.16 26.57
CA VAL B 478 16.72 2.06 25.85
C VAL B 478 16.04 2.58 24.59
N TYR B 479 15.37 3.72 24.68
CA TYR B 479 14.59 4.25 23.56
C TYR B 479 15.41 5.11 22.61
N GLY B 480 16.72 5.21 22.82
CA GLY B 480 17.59 5.84 21.86
C GLY B 480 17.68 7.35 21.95
N ARG B 481 17.16 7.97 23.00
CA ARG B 481 17.21 9.42 23.15
C ARG B 481 18.45 9.89 23.89
N ALA B 482 19.35 8.99 24.25
CA ALA B 482 20.60 9.34 24.92
C ALA B 482 21.65 8.31 24.59
N ASP B 483 22.92 8.68 24.79
CA ASP B 483 24.03 7.80 24.45
C ASP B 483 24.82 7.30 25.65
N ILE B 484 24.72 7.97 26.80
CA ILE B 484 25.44 7.56 28.01
C ILE B 484 24.81 8.25 29.20
N ALA B 485 24.85 7.60 30.36
CA ALA B 485 24.24 8.11 31.59
C ALA B 485 25.27 8.02 32.72
N VAL B 486 26.00 9.11 32.95
CA VAL B 486 26.90 9.21 34.08
C VAL B 486 26.11 9.85 35.23
N ALA B 487 25.64 9.02 36.15
CA ALA B 487 24.77 9.48 37.23
C ALA B 487 24.73 8.40 38.29
N PRO B 488 24.25 8.72 39.50
CA PRO B 488 24.14 7.68 40.53
C PRO B 488 23.07 6.66 40.20
N LEU B 489 23.37 5.77 39.25
CA LEU B 489 22.45 4.73 38.80
C LEU B 489 22.97 3.40 39.33
N THR B 490 22.23 2.81 40.26
CA THR B 490 22.66 1.57 40.88
C THR B 490 22.62 0.42 39.89
N ILE B 491 23.67 -0.40 39.89
CA ILE B 491 23.77 -1.55 39.00
C ILE B 491 22.87 -2.65 39.56
N THR B 492 21.69 -2.81 38.98
CA THR B 492 20.73 -3.82 39.39
C THR B 492 20.52 -4.83 38.27
N LEU B 493 19.94 -5.96 38.63
CA LEU B 493 19.71 -7.03 37.65
C LEU B 493 18.70 -6.61 36.59
N VAL B 494 17.63 -5.92 37.00
CA VAL B 494 16.59 -5.55 36.06
C VAL B 494 17.11 -4.57 35.02
N ARG B 495 17.96 -3.63 35.44
CA ARG B 495 18.54 -2.69 34.48
C ARG B 495 19.64 -3.34 33.65
N GLU B 496 20.40 -4.27 34.25
CA GLU B 496 21.49 -4.91 33.53
C GLU B 496 21.01 -5.66 32.30
N GLU B 497 19.76 -6.15 32.33
CA GLU B 497 19.21 -6.88 31.19
C GLU B 497 18.83 -5.98 30.02
N VAL B 498 18.75 -4.66 30.24
CA VAL B 498 18.33 -3.75 29.18
C VAL B 498 19.41 -2.76 28.78
N ILE B 499 20.41 -2.51 29.61
CA ILE B 499 21.51 -1.60 29.29
C ILE B 499 22.81 -2.22 29.76
N ASP B 500 23.92 -1.65 29.28
CA ASP B 500 25.25 -2.11 29.65
C ASP B 500 25.77 -1.21 30.77
N PHE B 501 26.20 -1.82 31.87
CA PHE B 501 26.73 -1.10 33.02
C PHE B 501 28.23 -1.31 33.09
N SER B 502 28.98 -0.22 33.21
CA SER B 502 30.41 -0.33 33.45
C SER B 502 30.66 -0.77 34.88
N LYS B 503 31.93 -0.93 35.22
CA LYS B 503 32.27 -1.29 36.59
C LYS B 503 31.92 -0.13 37.53
N PRO B 504 31.55 -0.44 38.78
CA PRO B 504 31.09 0.61 39.69
C PRO B 504 32.17 1.66 39.93
N PHE B 505 31.71 2.91 40.07
CA PHE B 505 32.60 4.02 40.40
C PHE B 505 32.29 4.57 41.78
N GLY B 745 27.45 2.87 38.72
CA GLY B 745 28.10 2.60 37.46
C GLY B 745 27.64 3.51 36.34
N VAL B 746 28.35 3.49 35.22
CA VAL B 746 28.04 4.31 34.06
C VAL B 746 27.26 3.44 33.07
N ALA B 747 26.09 3.90 32.68
CA ALA B 747 25.19 3.13 31.83
C ALA B 747 25.36 3.52 30.36
N THR B 748 25.05 2.58 29.48
CA THR B 748 25.20 2.74 28.05
C THR B 748 24.11 1.92 27.37
N PRO B 749 23.56 2.38 26.25
CA PRO B 749 22.63 1.53 25.49
C PRO B 749 23.31 0.25 25.06
N LYS B 750 22.55 -0.85 25.13
CA LYS B 750 23.12 -2.17 24.87
C LYS B 750 23.52 -2.31 23.39
N GLY B 751 24.72 -2.81 23.17
CA GLY B 751 25.20 -3.04 21.81
C GLY B 751 25.82 -1.84 21.13
N SER B 752 26.00 -0.72 21.84
CA SER B 752 26.59 0.46 21.22
C SER B 752 28.11 0.32 21.19
N ALA B 753 28.74 1.24 20.45
CA ALA B 753 30.18 1.23 20.26
C ALA B 753 30.94 1.93 21.37
N LEU B 754 30.24 2.57 22.31
CA LEU B 754 30.88 3.30 23.40
C LEU B 754 31.01 2.48 24.67
N GLY B 755 30.53 1.24 24.69
CA GLY B 755 30.54 0.46 25.92
C GLY B 755 31.93 0.17 26.45
N THR B 756 32.74 -0.53 25.65
CA THR B 756 34.09 -0.87 26.07
C THR B 756 34.97 0.36 26.31
N PRO B 757 34.99 1.38 25.45
CA PRO B 757 35.81 2.57 25.78
C PRO B 757 35.43 3.22 27.10
N VAL B 758 34.13 3.34 27.39
CA VAL B 758 33.71 3.96 28.64
C VAL B 758 34.06 3.08 29.83
N ASN B 759 33.90 1.76 29.68
CA ASN B 759 34.28 0.86 30.76
C ASN B 759 35.77 0.98 31.06
N LEU B 760 36.60 0.99 30.01
CA LEU B 760 38.04 1.12 30.22
C LEU B 760 38.39 2.48 30.82
N ALA B 761 37.71 3.55 30.40
CA ALA B 761 37.98 4.86 30.97
C ALA B 761 37.62 4.89 32.45
N VAL B 762 36.49 4.27 32.83
CA VAL B 762 36.11 4.22 34.23
C VAL B 762 37.14 3.43 35.03
N LEU B 763 37.62 2.31 34.49
CA LEU B 763 38.63 1.53 35.18
C LEU B 763 39.91 2.32 35.38
N LYS B 764 40.36 3.02 34.33
CA LYS B 764 41.60 3.80 34.43
C LYS B 764 41.45 4.96 35.41
N LEU B 765 40.29 5.63 35.40
CA LEU B 765 40.05 6.68 36.39
C LEU B 765 40.02 6.13 37.80
N SER B 766 39.49 4.91 37.98
CA SER B 766 39.55 4.28 39.28
C SER B 766 40.99 3.93 39.67
N GLU B 767 41.85 3.68 38.68
CA GLU B 767 43.25 3.40 38.98
C GLU B 767 43.93 4.58 39.64
N GLN B 768 43.65 5.80 39.17
CA GLN B 768 44.18 7.00 39.80
C GLN B 768 43.23 7.49 40.90
C1 NAG C . -43.22 -20.51 9.72
C2 NAG C . -44.01 -21.38 10.68
C3 NAG C . -44.53 -20.55 11.85
C4 NAG C . -43.39 -19.79 12.51
C5 NAG C . -42.61 -18.99 11.47
C6 NAG C . -41.38 -18.31 12.04
C7 NAG C . -45.36 -23.36 10.10
C8 NAG C . -44.43 -24.14 10.98
N2 NAG C . -45.12 -22.04 10.00
O3 NAG C . -45.16 -21.39 12.81
O4 NAG C . -43.89 -18.90 13.51
O5 NAG C . -42.16 -19.85 10.42
O6 NAG C . -40.21 -19.07 11.78
O7 NAG C . -46.30 -23.88 9.51
C1 NAG D . 0.59 -11.72 29.68
C2 NAG D . 1.08 -10.30 29.99
C3 NAG D . 1.17 -10.09 31.50
C4 NAG D . -0.15 -10.44 32.18
C5 NAG D . -0.58 -11.85 31.78
C6 NAG D . -1.94 -12.23 32.33
C7 NAG D . 2.58 -8.99 28.57
C8 NAG D . 1.42 -8.07 28.33
N2 NAG D . 2.36 -10.04 29.36
O3 NAG D . 1.51 -8.74 31.78
O4 NAG D . -0.02 -10.35 33.59
O5 NAG D . -0.65 -11.95 30.36
O6 NAG D . -2.97 -11.56 31.62
O7 NAG D . 3.67 -8.80 28.04
C1 NAG E . 23.26 2.81 -29.36
C2 NAG E . 22.24 2.10 -30.25
C3 NAG E . 22.07 2.88 -31.56
C4 NAG E . 21.73 4.32 -31.28
C5 NAG E . 22.77 4.94 -30.33
C6 NAG E . 22.42 6.35 -29.91
C7 NAG E . 21.99 -0.33 -29.99
C8 NAG E . 20.82 -0.02 -29.10
N2 NAG E . 22.63 0.73 -30.51
O3 NAG E . 21.03 2.28 -32.32
O4 NAG E . 21.71 5.07 -32.49
O5 NAG E . 22.86 4.16 -29.14
O6 NAG E . 22.84 6.60 -28.57
O7 NAG E . 22.34 -1.48 -30.23
C1 NAG F . 29.78 15.33 0.55
C2 NAG F . 28.72 14.31 0.08
C3 NAG F . 29.28 13.39 -1.01
C4 NAG F . 29.90 14.21 -2.13
C5 NAG F . 30.92 15.19 -1.56
C6 NAG F . 31.52 16.09 -2.62
C7 NAG F . 28.65 12.72 2.05
C8 NAG F . 30.13 12.46 1.94
N2 NAG F . 28.09 13.57 1.17
O3 NAG F . 28.22 12.58 -1.51
O4 NAG F . 30.53 13.35 -3.06
O5 NAG F . 30.31 16.04 -0.58
O6 NAG F . 31.10 17.44 -2.43
O7 NAG F . 27.98 12.16 2.91
#